data_8WOU
#
_entry.id   8WOU
#
_cell.length_a   65.160
_cell.length_b   201.020
_cell.length_c   151.490
_cell.angle_alpha   90.000
_cell.angle_beta   90.000
_cell.angle_gamma   90.000
#
_symmetry.space_group_name_H-M   'C 2 2 21'
#
loop_
_entity.id
_entity.type
_entity.pdbx_description
1 polymer Aminotransferase
2 non-polymer 'SULFATE ION'
3 water water
#
_entity_poly.entity_id   1
_entity_poly.type   'polypeptide(L)'
_entity_poly.pdbx_seq_one_letter_code
;MHHHHHHMDIALAKRVQKVKPSPTLAVAAKAAQMKAQGLDIIGLGTGEPDFDTPQHIKLAAISAIEAGDTKYTAVDGIVE
LKEAVKNKFKRDNELDYQLNQILVSVGGKQSCYNLCQAYLNPGDEVIIPAPYWVSYPDMVLLADGVPVIIETTPAQRYKI
NAQQLEQAITPKTRMIFLNSPSNPSGIAYTQNELKELGDVLKKHPQILIATDDMYEHIIWSQPFTNILNACPELYDRTIV
LNGVSKAYAMTGWRIGYAAGPAPLINAMKTIQSQSTSNPCSIAQRAAVAALNGSNESIEEMVNAFHQRHDYVADRLQSID
GIEVIPADGTFYIFPSVQAIIEKRGYANDIEFSEKLLNEVGVALVPGSAFGTEGCIRISFATGIDTLKDALNRLQRFCS
;
_entity_poly.pdbx_strand_id   A,B
#
# COMPACT_ATOMS: atom_id res chain seq x y z
N MET A 8 -1.11 31.61 1.96
CA MET A 8 -2.30 30.82 1.63
C MET A 8 -1.90 29.45 1.09
N ASP A 9 -0.68 29.37 0.52
CA ASP A 9 -0.23 28.15 -0.14
C ASP A 9 0.07 27.05 0.87
N ILE A 10 -0.46 25.85 0.62
CA ILE A 10 -0.28 24.76 1.56
C ILE A 10 1.16 24.27 1.49
N ALA A 11 1.86 24.30 2.62
CA ALA A 11 3.21 23.76 2.69
C ALA A 11 3.16 22.25 2.84
N LEU A 12 4.04 21.56 2.11
CA LEU A 12 4.09 20.11 2.03
C LEU A 12 5.28 19.58 2.81
N ALA A 13 5.35 18.25 2.91
CA ALA A 13 6.37 17.61 3.71
C ALA A 13 7.73 17.69 3.03
N LYS A 14 8.75 18.07 3.81
CA LYS A 14 10.11 18.12 3.28
C LYS A 14 10.55 16.82 2.65
N ARG A 15 9.98 15.68 3.08
CA ARG A 15 10.45 14.42 2.52
C ARG A 15 10.03 14.23 1.06
N VAL A 16 8.95 14.85 0.59
CA VAL A 16 8.56 14.61 -0.80
C VAL A 16 9.32 15.53 -1.73
N GLN A 17 9.85 16.64 -1.23
CA GLN A 17 10.65 17.49 -2.08
C GLN A 17 11.99 16.86 -2.41
N LYS A 18 12.40 15.85 -1.64
CA LYS A 18 13.67 15.17 -1.84
C LYS A 18 13.62 14.16 -2.97
N VAL A 19 12.44 13.72 -3.38
CA VAL A 19 12.31 12.70 -4.41
C VAL A 19 11.53 13.31 -5.58
N LYS A 20 11.44 12.54 -6.66
CA LYS A 20 10.66 12.86 -7.84
C LYS A 20 9.66 11.74 -8.08
N PRO A 21 8.56 12.02 -8.78
CA PRO A 21 7.63 10.92 -9.13
C PRO A 21 8.32 9.92 -10.06
N SER A 22 7.90 8.65 -9.94
CA SER A 22 8.44 7.54 -10.72
C SER A 22 8.56 7.93 -12.20
N PRO A 23 9.78 8.05 -12.74
CA PRO A 23 9.92 8.47 -14.15
C PRO A 23 9.69 7.35 -15.16
N THR A 24 9.79 6.07 -14.78
CA THR A 24 9.27 5.01 -15.64
C THR A 24 7.76 5.12 -15.77
N LEU A 25 7.07 5.43 -14.66
CA LEU A 25 5.61 5.52 -14.73
C LEU A 25 5.18 6.78 -15.48
N ALA A 26 6.01 7.83 -15.45
CA ALA A 26 5.69 9.06 -16.20
C ALA A 26 5.84 8.85 -17.70
N VAL A 27 6.86 8.10 -18.13
CA VAL A 27 6.93 7.77 -19.56
C VAL A 27 5.72 6.95 -19.96
N ALA A 28 5.32 6.00 -19.10
CA ALA A 28 4.17 5.17 -19.41
C ALA A 28 2.91 6.03 -19.54
N ALA A 29 2.75 7.01 -18.65
CA ALA A 29 1.56 7.86 -18.67
C ALA A 29 1.61 8.91 -19.78
N LYS A 30 2.81 9.39 -20.12
CA LYS A 30 2.95 10.26 -21.30
C LYS A 30 2.49 9.53 -22.56
N ALA A 31 2.91 8.29 -22.75
CA ALA A 31 2.60 7.56 -23.97
C ALA A 31 1.14 7.09 -24.01
N ALA A 32 0.61 6.63 -22.87
CA ALA A 32 -0.81 6.32 -22.79
C ALA A 32 -1.66 7.52 -23.20
N GLN A 33 -1.32 8.71 -22.69
CA GLN A 33 -2.17 9.85 -22.96
C GLN A 33 -2.00 10.34 -24.39
N MET A 34 -0.76 10.32 -24.93
CA MET A 34 -0.60 10.60 -26.36
C MET A 34 -1.36 9.58 -27.21
N LYS A 35 -1.31 8.30 -26.83
CA LYS A 35 -2.10 7.29 -27.55
C LYS A 35 -3.59 7.55 -27.42
N ALA A 36 -4.04 7.94 -26.23
CA ALA A 36 -5.47 8.21 -26.06
C ALA A 36 -5.91 9.48 -26.79
N GLN A 37 -4.98 10.35 -27.21
CA GLN A 37 -5.34 11.53 -28.00
C GLN A 37 -5.31 11.28 -29.50
N GLY A 38 -5.03 10.06 -29.94
CA GLY A 38 -5.05 9.74 -31.36
C GLY A 38 -3.70 9.71 -32.06
N LEU A 39 -2.60 9.76 -31.32
CA LEU A 39 -1.29 9.85 -31.96
C LEU A 39 -0.66 8.47 -32.09
N ASP A 40 0.11 8.27 -33.16
CA ASP A 40 0.70 6.95 -33.44
C ASP A 40 2.02 6.81 -32.67
N ILE A 41 1.89 6.45 -31.40
CA ILE A 41 3.00 6.33 -30.47
C ILE A 41 3.18 4.85 -30.13
N ILE A 42 4.44 4.45 -29.92
CA ILE A 42 4.80 3.07 -29.57
C ILE A 42 5.63 3.11 -28.31
N GLY A 43 5.13 2.50 -27.25
CA GLY A 43 5.74 2.61 -25.94
C GLY A 43 6.73 1.52 -25.60
N LEU A 44 7.91 1.57 -26.22
CA LEU A 44 9.01 0.66 -25.94
C LEU A 44 9.63 0.88 -24.56
N GLY A 45 8.86 1.40 -23.60
CA GLY A 45 9.35 1.51 -22.24
C GLY A 45 8.44 0.80 -21.26
N THR A 46 7.65 -0.14 -21.78
CA THR A 46 6.73 -0.93 -20.98
C THR A 46 7.40 -1.46 -19.70
N GLY A 47 6.60 -1.60 -18.65
CA GLY A 47 7.01 -2.34 -17.47
C GLY A 47 6.38 -3.71 -17.32
N GLU A 48 5.63 -4.19 -18.32
CA GLU A 48 4.82 -5.40 -18.19
C GLU A 48 4.74 -6.23 -19.47
N PRO A 49 4.70 -7.56 -19.34
CA PRO A 49 4.62 -8.43 -20.53
C PRO A 49 3.35 -8.18 -21.33
N ASP A 50 3.27 -8.85 -22.48
CA ASP A 50 2.11 -8.82 -23.35
C ASP A 50 1.31 -10.11 -23.27
N PHE A 51 1.57 -10.95 -22.28
CA PHE A 51 0.78 -12.14 -22.05
C PHE A 51 -0.30 -11.83 -21.03
N ASP A 52 -1.41 -12.54 -21.13
CA ASP A 52 -2.41 -12.40 -20.09
C ASP A 52 -2.11 -13.36 -18.96
N THR A 53 -2.66 -13.04 -17.79
CA THR A 53 -2.59 -13.95 -16.66
C THR A 53 -3.12 -15.33 -17.08
N PRO A 54 -2.35 -16.40 -16.87
CA PRO A 54 -2.79 -17.73 -17.32
C PRO A 54 -4.17 -18.07 -16.78
N GLN A 55 -4.87 -18.96 -17.49
CA GLN A 55 -6.30 -19.14 -17.23
C GLN A 55 -6.56 -19.71 -15.83
N HIS A 56 -5.69 -20.62 -15.35
CA HIS A 56 -5.98 -21.22 -14.04
C HIS A 56 -5.81 -20.22 -12.91
N ILE A 57 -4.95 -19.21 -13.08
CA ILE A 57 -4.88 -18.14 -12.09
C ILE A 57 -6.16 -17.32 -12.09
N LYS A 58 -6.72 -17.07 -13.27
CA LYS A 58 -7.95 -16.28 -13.34
C LYS A 58 -9.11 -17.02 -12.66
N LEU A 59 -9.25 -18.32 -12.98
CA LEU A 59 -10.34 -19.10 -12.40
C LEU A 59 -10.24 -19.15 -10.89
N ALA A 60 -9.02 -19.11 -10.35
CA ALA A 60 -8.90 -19.17 -8.89
C ALA A 60 -9.33 -17.84 -8.27
N ALA A 61 -9.02 -16.73 -8.95
CA ALA A 61 -9.44 -15.43 -8.45
C ALA A 61 -10.96 -15.27 -8.56
N ILE A 62 -11.53 -15.69 -9.70
CA ILE A 62 -12.98 -15.69 -9.87
C ILE A 62 -13.64 -16.56 -8.82
N SER A 63 -13.19 -17.81 -8.72
CA SER A 63 -13.74 -18.72 -7.74
C SER A 63 -13.62 -18.16 -6.34
N ALA A 64 -12.53 -17.46 -6.05
CA ALA A 64 -12.39 -16.83 -4.74
C ALA A 64 -13.42 -15.73 -4.52
N ILE A 65 -13.76 -14.98 -5.58
CA ILE A 65 -14.76 -13.91 -5.47
C ILE A 65 -16.14 -14.51 -5.19
N GLU A 66 -16.42 -15.69 -5.74
CA GLU A 66 -17.71 -16.31 -5.54
C GLU A 66 -17.85 -16.93 -4.16
N ALA A 67 -16.75 -17.24 -3.50
CA ALA A 67 -16.82 -17.89 -2.20
C ALA A 67 -17.05 -16.91 -1.05
N GLY A 68 -16.88 -15.61 -1.29
CA GLY A 68 -16.95 -14.64 -0.21
C GLY A 68 -15.61 -14.29 0.39
N ASP A 69 -14.52 -14.48 -0.34
CA ASP A 69 -13.17 -14.12 0.11
C ASP A 69 -12.89 -12.62 0.02
N THR A 70 -13.86 -11.80 0.44
CA THR A 70 -13.83 -10.36 0.25
C THR A 70 -13.58 -9.60 1.55
N LYS A 71 -12.89 -10.23 2.49
CA LYS A 71 -12.76 -9.73 3.86
C LYS A 71 -11.30 -9.40 4.16
N TYR A 72 -11.10 -8.77 5.31
CA TYR A 72 -9.73 -8.52 5.78
C TYR A 72 -9.11 -9.86 6.08
N THR A 73 -7.79 -9.95 5.95
CA THR A 73 -7.06 -11.17 6.25
C THR A 73 -5.97 -10.83 7.25
N ALA A 74 -5.18 -11.82 7.67
CA ALA A 74 -3.92 -11.49 8.34
C ALA A 74 -3.18 -10.43 7.52
N VAL A 75 -2.70 -9.38 8.19
CA VAL A 75 -2.04 -8.29 7.47
C VAL A 75 -0.87 -8.83 6.64
N ASP A 76 -0.14 -9.80 7.17
CA ASP A 76 1.03 -10.31 6.48
C ASP A 76 0.72 -11.43 5.50
N GLY A 77 -0.56 -11.73 5.26
CA GLY A 77 -0.95 -12.70 4.27
C GLY A 77 -1.65 -13.96 4.76
N ILE A 78 -2.64 -14.44 4.00
CA ILE A 78 -3.33 -15.66 4.37
C ILE A 78 -2.32 -16.80 4.48
N VAL A 79 -2.70 -17.81 5.27
CA VAL A 79 -1.76 -18.90 5.54
C VAL A 79 -1.50 -19.71 4.28
N GLU A 80 -2.50 -19.89 3.41
CA GLU A 80 -2.26 -20.60 2.16
C GLU A 80 -1.18 -19.92 1.33
N LEU A 81 -1.20 -18.57 1.27
CA LEU A 81 -0.19 -17.85 0.49
C LEU A 81 1.18 -17.96 1.14
N LYS A 82 1.26 -17.69 2.44
CA LYS A 82 2.56 -17.78 3.11
C LYS A 82 3.14 -19.19 3.02
N GLU A 83 2.30 -20.22 3.00
CA GLU A 83 2.79 -21.59 2.83
C GLU A 83 3.37 -21.78 1.44
N ALA A 84 2.65 -21.30 0.43
CA ALA A 84 3.11 -21.37 -0.96
C ALA A 84 4.47 -20.69 -1.11
N VAL A 85 4.62 -19.50 -0.51
CA VAL A 85 5.90 -18.80 -0.52
C VAL A 85 6.97 -19.65 0.13
N LYS A 86 6.71 -20.11 1.36
CA LYS A 86 7.66 -20.97 2.06
C LYS A 86 8.12 -22.12 1.18
N ASN A 87 7.18 -22.80 0.52
CA ASN A 87 7.56 -23.95 -0.32
C ASN A 87 8.28 -23.51 -1.59
N LYS A 88 8.00 -22.31 -2.09
CA LYS A 88 8.70 -21.83 -3.28
C LYS A 88 10.18 -21.59 -2.97
N PHE A 89 10.49 -21.05 -1.81
CA PHE A 89 11.88 -20.80 -1.44
C PHE A 89 12.61 -22.11 -1.16
N LYS A 90 11.91 -23.13 -0.68
CA LYS A 90 12.59 -24.41 -0.51
C LYS A 90 12.84 -25.06 -1.86
N ARG A 91 11.80 -25.16 -2.70
CA ARG A 91 11.94 -25.91 -3.94
C ARG A 91 12.67 -25.12 -5.04
N ASP A 92 12.61 -23.78 -5.04
CA ASP A 92 13.31 -23.06 -6.11
C ASP A 92 14.72 -22.62 -5.74
N ASN A 93 14.93 -22.20 -4.49
CA ASN A 93 16.17 -21.53 -4.10
C ASN A 93 16.87 -22.25 -2.96
N GLU A 94 16.41 -23.44 -2.59
CA GLU A 94 17.00 -24.23 -1.50
C GLU A 94 17.25 -23.37 -0.27
N LEU A 95 16.31 -22.47 0.01
CA LEU A 95 16.30 -21.65 1.22
C LEU A 95 15.21 -22.12 2.17
N ASP A 96 15.53 -22.09 3.46
CA ASP A 96 14.63 -22.52 4.51
C ASP A 96 14.11 -21.30 5.25
N TYR A 97 12.81 -21.05 5.17
CA TYR A 97 12.18 -19.99 5.95
C TYR A 97 10.97 -20.53 6.70
N GLN A 98 10.81 -20.07 7.94
CA GLN A 98 9.61 -20.26 8.74
C GLN A 98 8.56 -19.22 8.35
N LEU A 99 7.31 -19.48 8.75
CA LEU A 99 6.23 -18.57 8.37
C LEU A 99 6.36 -17.23 9.08
N ASN A 100 7.01 -17.19 10.24
CA ASN A 100 7.25 -15.87 10.85
C ASN A 100 8.34 -15.09 10.15
N GLN A 101 8.98 -15.69 9.15
CA GLN A 101 9.97 -14.96 8.36
C GLN A 101 9.42 -14.52 7.01
N ILE A 102 8.13 -14.67 6.77
CA ILE A 102 7.56 -14.39 5.47
C ILE A 102 6.59 -13.23 5.58
N LEU A 103 6.57 -12.37 4.57
CA LEU A 103 5.63 -11.22 4.56
C LEU A 103 5.10 -11.03 3.16
N VAL A 104 3.77 -11.06 3.02
CA VAL A 104 3.10 -10.83 1.76
C VAL A 104 2.68 -9.37 1.70
N SER A 105 3.00 -8.68 0.59
CA SER A 105 2.83 -7.24 0.48
C SER A 105 2.16 -6.88 -0.82
N VAL A 106 1.80 -5.60 -0.95
CA VAL A 106 1.02 -5.09 -2.07
C VAL A 106 2.00 -4.70 -3.17
N GLY A 107 2.37 -5.68 -3.97
CA GLY A 107 3.40 -5.54 -4.97
C GLY A 107 4.81 -5.67 -4.40
N GLY A 108 5.76 -5.99 -5.27
CA GLY A 108 7.15 -6.01 -4.85
C GLY A 108 7.68 -4.63 -4.44
N LYS A 109 7.13 -3.58 -5.03
CA LYS A 109 7.58 -2.22 -4.69
C LYS A 109 7.34 -1.93 -3.22
N GLN A 110 6.19 -2.36 -2.69
CA GLN A 110 5.88 -2.07 -1.30
C GLN A 110 6.78 -2.83 -0.33
N SER A 111 7.07 -4.11 -0.62
CA SER A 111 8.11 -4.84 0.09
C SER A 111 9.37 -4.00 0.29
N CYS A 112 9.87 -3.38 -0.80
CA CYS A 112 11.05 -2.51 -0.70
C CYS A 112 10.75 -1.29 0.14
N TYR A 113 9.59 -0.67 -0.08
CA TYR A 113 9.24 0.53 0.66
C TYR A 113 9.12 0.21 2.15
N ASN A 114 8.47 -0.90 2.50
CA ASN A 114 8.38 -1.30 3.91
C ASN A 114 9.75 -1.56 4.50
N LEU A 115 10.62 -2.21 3.73
CA LEU A 115 11.96 -2.49 4.23
C LEU A 115 12.69 -1.20 4.58
N CYS A 116 12.57 -0.16 3.75
CA CYS A 116 13.31 1.07 4.04
C CYS A 116 12.71 1.77 5.25
N GLN A 117 11.37 1.88 5.31
CA GLN A 117 10.74 2.48 6.48
C GLN A 117 10.96 1.65 7.74
N ALA A 118 11.05 0.33 7.59
CA ALA A 118 11.20 -0.51 8.77
C ALA A 118 12.61 -0.49 9.31
N TYR A 119 13.60 -0.17 8.47
CA TYR A 119 14.98 -0.46 8.82
C TYR A 119 15.89 0.75 8.87
N LEU A 120 15.65 1.77 8.03
CA LEU A 120 16.63 2.82 7.78
C LEU A 120 16.37 4.03 8.67
N ASN A 121 17.42 4.53 9.27
CA ASN A 121 17.44 5.76 10.06
C ASN A 121 18.11 6.90 9.29
N PRO A 122 17.71 8.15 9.62
CA PRO A 122 18.33 9.33 8.99
C PRO A 122 19.84 9.24 8.91
N GLY A 123 20.38 9.41 7.70
CA GLY A 123 21.82 9.37 7.49
C GLY A 123 22.41 8.01 7.12
N ASP A 124 21.66 6.92 7.29
CA ASP A 124 22.14 5.60 6.91
C ASP A 124 22.40 5.54 5.42
N GLU A 125 23.53 4.99 5.04
CA GLU A 125 23.90 4.91 3.63
C GLU A 125 23.55 3.55 3.05
N VAL A 126 22.98 3.57 1.84
CA VAL A 126 22.57 2.35 1.14
C VAL A 126 23.35 2.27 -0.15
N ILE A 127 24.20 1.25 -0.28
CA ILE A 127 24.87 1.04 -1.56
C ILE A 127 23.84 0.64 -2.60
N ILE A 128 23.82 1.34 -3.73
CA ILE A 128 22.91 1.03 -4.83
C ILE A 128 23.68 0.97 -6.15
N PRO A 129 23.86 -0.20 -6.75
CA PRO A 129 24.60 -0.28 -8.01
C PRO A 129 23.81 0.38 -9.13
N ALA A 130 24.51 1.23 -9.91
CA ALA A 130 23.97 1.74 -11.17
C ALA A 130 24.42 0.86 -12.33
N PRO A 131 23.58 0.66 -13.34
CA PRO A 131 22.21 1.18 -13.48
C PRO A 131 21.24 0.53 -12.47
N TYR A 132 20.43 1.34 -11.80
CA TYR A 132 19.53 0.86 -10.76
C TYR A 132 18.08 1.08 -11.18
N TRP A 133 17.22 0.23 -10.64
CA TRP A 133 15.78 0.43 -10.75
C TRP A 133 15.43 1.80 -10.18
N VAL A 134 14.57 2.53 -10.90
CA VAL A 134 14.38 3.96 -10.63
C VAL A 134 14.01 4.22 -9.17
N SER A 135 13.33 3.26 -8.53
CA SER A 135 12.72 3.55 -7.24
C SER A 135 13.64 3.32 -6.06
N TYR A 136 14.76 2.60 -6.22
CA TYR A 136 15.64 2.36 -5.08
C TYR A 136 16.09 3.64 -4.39
N PRO A 137 16.62 4.66 -5.07
CA PRO A 137 17.05 5.87 -4.33
C PRO A 137 15.89 6.64 -3.73
N ASP A 138 14.74 6.69 -4.40
CA ASP A 138 13.61 7.43 -3.85
C ASP A 138 13.05 6.76 -2.58
N MET A 139 13.05 5.43 -2.54
CA MET A 139 12.57 4.75 -1.34
C MET A 139 13.56 4.89 -0.20
N VAL A 140 14.85 4.93 -0.52
CA VAL A 140 15.84 5.22 0.51
C VAL A 140 15.65 6.63 1.03
N LEU A 141 15.50 7.60 0.12
CA LEU A 141 15.38 8.99 0.52
C LEU A 141 14.11 9.22 1.33
N LEU A 142 13.01 8.53 0.99
CA LEU A 142 11.78 8.72 1.76
C LEU A 142 11.94 8.27 3.21
N ALA A 143 12.86 7.34 3.47
CA ALA A 143 13.20 6.94 4.83
C ALA A 143 14.39 7.70 5.37
N ASP A 144 14.80 8.78 4.70
CA ASP A 144 15.88 9.65 5.11
C ASP A 144 17.25 8.97 5.11
N GLY A 145 17.41 7.89 4.34
CA GLY A 145 18.73 7.33 4.09
C GLY A 145 19.49 8.11 3.00
N VAL A 146 20.72 7.69 2.76
CA VAL A 146 21.55 8.35 1.76
C VAL A 146 21.97 7.34 0.69
N PRO A 147 21.53 7.52 -0.55
CA PRO A 147 21.99 6.63 -1.62
C PRO A 147 23.47 6.85 -1.90
N VAL A 148 24.21 5.77 -1.95
CA VAL A 148 25.61 5.74 -2.34
C VAL A 148 25.65 4.91 -3.61
N ILE A 149 25.74 5.57 -4.75
CA ILE A 149 25.66 4.92 -6.05
C ILE A 149 27.04 4.37 -6.42
N ILE A 150 27.08 3.16 -6.99
CA ILE A 150 28.29 2.60 -7.60
C ILE A 150 28.03 2.53 -9.10
N GLU A 151 28.73 3.37 -9.86
CA GLU A 151 28.52 3.46 -11.30
C GLU A 151 29.32 2.38 -12.02
N THR A 152 28.68 1.72 -12.97
CA THR A 152 29.34 0.69 -13.76
C THR A 152 29.23 1.02 -15.25
N THR A 153 29.99 0.31 -16.06
CA THR A 153 30.12 0.59 -17.48
C THR A 153 29.93 -0.69 -18.28
N PRO A 154 29.74 -0.58 -19.60
CA PRO A 154 29.74 -1.79 -20.44
C PRO A 154 31.01 -2.61 -20.31
N ALA A 155 32.16 -1.98 -20.04
CA ALA A 155 33.40 -2.74 -19.90
C ALA A 155 33.35 -3.73 -18.75
N GLN A 156 32.32 -3.67 -17.90
CA GLN A 156 32.11 -4.64 -16.82
C GLN A 156 30.78 -5.33 -16.97
N ARG A 157 30.18 -5.29 -18.16
CA ARG A 157 28.81 -5.77 -18.38
C ARG A 157 27.85 -5.23 -17.32
N TYR A 158 28.11 -4.00 -16.84
CA TYR A 158 27.23 -3.25 -15.93
C TYR A 158 27.08 -3.93 -14.57
N LYS A 159 28.14 -4.58 -14.11
CA LYS A 159 28.18 -5.28 -12.84
C LYS A 159 29.29 -4.71 -11.97
N ILE A 160 29.02 -4.55 -10.68
CA ILE A 160 30.06 -4.01 -9.79
C ILE A 160 31.07 -5.10 -9.48
N ASN A 161 32.18 -4.72 -8.87
CA ASN A 161 33.20 -5.68 -8.51
C ASN A 161 33.64 -5.43 -7.07
N ALA A 162 34.47 -6.35 -6.56
CA ALA A 162 34.75 -6.38 -5.13
C ALA A 162 35.47 -5.13 -4.66
N GLN A 163 36.45 -4.66 -5.44
CA GLN A 163 37.19 -3.48 -5.00
C GLN A 163 36.32 -2.23 -5.04
N GLN A 164 35.39 -2.15 -5.99
CA GLN A 164 34.42 -1.06 -6.02
C GLN A 164 33.55 -1.08 -4.77
N LEU A 165 33.04 -2.27 -4.43
CA LEU A 165 32.15 -2.42 -3.30
C LEU A 165 32.86 -2.04 -2.00
N GLU A 166 34.01 -2.66 -1.78
CA GLU A 166 34.81 -2.32 -0.61
C GLU A 166 35.09 -0.82 -0.57
N GLN A 167 35.32 -0.21 -1.73
CA GLN A 167 35.60 1.22 -1.78
C GLN A 167 34.41 2.03 -1.29
N ALA A 168 33.19 1.61 -1.64
CA ALA A 168 31.99 2.37 -1.30
C ALA A 168 31.52 2.14 0.13
N ILE A 169 31.86 0.99 0.72
CA ILE A 169 31.43 0.68 2.07
C ILE A 169 32.10 1.63 3.05
N THR A 170 31.36 1.97 4.10
CA THR A 170 31.68 3.02 5.06
C THR A 170 31.15 2.54 6.41
N PRO A 171 31.72 3.01 7.54
CA PRO A 171 31.08 2.70 8.83
C PRO A 171 29.59 3.00 8.85
N LYS A 172 29.12 3.97 8.06
CA LYS A 172 27.72 4.38 8.05
C LYS A 172 26.85 3.56 7.12
N THR A 173 27.42 2.71 6.27
CA THR A 173 26.60 2.01 5.30
C THR A 173 25.91 0.84 6.00
N ARG A 174 24.59 0.74 5.81
CA ARG A 174 23.83 -0.25 6.57
C ARG A 174 22.97 -1.17 5.71
N MET A 175 22.99 -1.01 4.39
CA MET A 175 22.20 -1.85 3.51
C MET A 175 22.80 -1.73 2.11
N ILE A 176 22.61 -2.78 1.32
CA ILE A 176 22.92 -2.78 -0.11
C ILE A 176 21.79 -3.51 -0.84
N PHE A 177 21.47 -3.03 -2.05
CA PHE A 177 20.53 -3.69 -2.95
C PHE A 177 21.31 -4.45 -4.02
N LEU A 178 21.05 -5.75 -4.16
CA LEU A 178 21.55 -6.49 -5.31
C LEU A 178 20.37 -6.99 -6.12
N ASN A 179 20.31 -6.58 -7.38
CA ASN A 179 19.16 -6.82 -8.26
C ASN A 179 19.65 -7.56 -9.50
N SER A 180 19.55 -8.88 -9.46
CA SER A 180 20.08 -9.72 -10.52
C SER A 180 19.11 -10.87 -10.77
N PRO A 181 18.58 -11.02 -12.00
CA PRO A 181 18.64 -10.17 -13.20
C PRO A 181 18.19 -8.74 -12.94
N SER A 182 18.86 -7.77 -13.57
CA SER A 182 18.67 -6.36 -13.28
C SER A 182 17.63 -5.71 -14.19
N ASN A 183 16.73 -4.93 -13.60
CA ASN A 183 16.04 -3.85 -14.28
C ASN A 183 16.88 -2.61 -14.05
N PRO A 184 17.41 -1.94 -15.11
CA PRO A 184 17.14 -1.93 -16.56
C PRO A 184 18.07 -2.73 -17.49
N SER A 185 19.19 -3.26 -16.99
CA SER A 185 20.22 -3.75 -17.90
C SER A 185 19.94 -5.15 -18.43
N GLY A 186 19.17 -5.94 -17.69
CA GLY A 186 18.94 -7.32 -18.07
C GLY A 186 20.11 -8.24 -17.80
N ILE A 187 21.13 -7.79 -17.07
CA ILE A 187 22.32 -8.60 -16.79
C ILE A 187 22.14 -9.35 -15.48
N ALA A 188 22.70 -10.56 -15.40
CA ALA A 188 22.69 -11.32 -14.15
C ALA A 188 24.11 -11.59 -13.67
N TYR A 189 24.32 -11.54 -12.37
CA TYR A 189 25.60 -11.94 -11.80
C TYR A 189 25.68 -13.47 -11.81
N THR A 190 26.78 -13.99 -12.33
CA THR A 190 27.09 -15.40 -12.18
C THR A 190 27.43 -15.70 -10.72
N GLN A 191 27.44 -16.99 -10.40
CA GLN A 191 27.65 -17.42 -9.02
C GLN A 191 29.08 -17.13 -8.55
N ASN A 192 30.07 -17.40 -9.43
CA ASN A 192 31.44 -17.00 -9.15
C ASN A 192 31.53 -15.53 -8.79
N GLU A 193 30.82 -14.66 -9.53
CA GLU A 193 30.88 -13.22 -9.27
C GLU A 193 30.18 -12.87 -7.95
N LEU A 194 29.06 -13.53 -7.65
CA LEU A 194 28.37 -13.26 -6.39
C LEU A 194 29.20 -13.70 -5.21
N LYS A 195 30.01 -14.76 -5.38
CA LYS A 195 30.90 -15.22 -4.30
C LYS A 195 31.89 -14.13 -3.93
N GLU A 196 32.51 -13.51 -4.94
CA GLU A 196 33.46 -12.42 -4.69
C GLU A 196 32.82 -11.26 -3.93
N LEU A 197 31.56 -10.95 -4.22
CA LEU A 197 30.89 -9.86 -3.50
C LEU A 197 30.58 -10.25 -2.06
N GLY A 198 30.14 -11.50 -1.85
CA GLY A 198 29.89 -11.96 -0.50
C GLY A 198 31.13 -11.93 0.36
N ASP A 199 32.28 -12.29 -0.22
CA ASP A 199 33.55 -12.21 0.50
C ASP A 199 33.78 -10.81 1.06
N VAL A 200 33.53 -9.77 0.25
CA VAL A 200 33.63 -8.41 0.78
C VAL A 200 32.63 -8.21 1.91
N LEU A 201 31.40 -8.65 1.70
CA LEU A 201 30.33 -8.37 2.65
C LEU A 201 30.52 -9.08 3.98
N LYS A 202 31.12 -10.29 4.00
CA LYS A 202 31.32 -10.96 5.28
C LYS A 202 32.24 -10.19 6.21
N LYS A 203 32.98 -9.23 5.70
CA LYS A 203 33.89 -8.43 6.51
C LYS A 203 33.22 -7.22 7.14
N HIS A 204 31.97 -6.93 6.79
CA HIS A 204 31.22 -5.82 7.38
C HIS A 204 29.89 -6.35 7.87
N PRO A 205 29.84 -6.84 9.12
CA PRO A 205 28.63 -7.53 9.61
C PRO A 205 27.43 -6.63 9.85
N GLN A 206 27.59 -5.31 9.82
CA GLN A 206 26.50 -4.39 10.06
C GLN A 206 25.68 -4.07 8.81
N ILE A 207 25.97 -4.69 7.68
CA ILE A 207 25.33 -4.35 6.41
C ILE A 207 24.26 -5.38 6.10
N LEU A 208 23.01 -4.92 5.97
CA LEU A 208 21.91 -5.79 5.57
C LEU A 208 21.86 -5.89 4.05
N ILE A 209 21.59 -7.10 3.56
CA ILE A 209 21.65 -7.41 2.12
C ILE A 209 20.22 -7.62 1.63
N ALA A 210 19.78 -6.77 0.71
CA ALA A 210 18.45 -6.91 0.11
C ALA A 210 18.60 -7.43 -1.32
N THR A 211 18.28 -8.69 -1.55
CA THR A 211 18.39 -9.26 -2.89
C THR A 211 17.01 -9.23 -3.53
N ASP A 212 16.91 -8.58 -4.68
CA ASP A 212 15.63 -8.41 -5.37
C ASP A 212 15.64 -9.36 -6.56
N ASP A 213 14.84 -10.41 -6.42
CA ASP A 213 14.87 -11.60 -7.27
C ASP A 213 13.65 -11.64 -8.17
N MET A 214 13.06 -10.46 -8.42
CA MET A 214 11.74 -10.37 -9.04
C MET A 214 11.73 -10.97 -10.45
N TYR A 215 12.85 -10.92 -11.17
CA TYR A 215 13.01 -11.49 -12.52
C TYR A 215 13.64 -12.89 -12.50
N GLU A 216 13.62 -13.56 -11.34
CA GLU A 216 14.34 -14.83 -11.15
C GLU A 216 14.05 -15.85 -12.25
N HIS A 217 12.79 -15.96 -12.67
CA HIS A 217 12.45 -16.91 -13.74
C HIS A 217 12.66 -16.36 -15.15
N ILE A 218 12.89 -15.06 -15.32
CA ILE A 218 13.08 -14.57 -16.68
C ILE A 218 14.58 -14.53 -16.96
N ILE A 219 15.17 -15.69 -17.22
CA ILE A 219 16.61 -15.77 -17.41
C ILE A 219 16.91 -16.92 -18.36
N TRP A 220 17.85 -16.71 -19.28
CA TRP A 220 18.17 -17.77 -20.23
C TRP A 220 19.66 -18.12 -20.30
N SER A 221 20.57 -17.25 -19.89
CA SER A 221 21.98 -17.58 -20.14
C SER A 221 22.56 -18.50 -19.07
N GLN A 222 21.88 -18.65 -17.94
CA GLN A 222 22.35 -19.49 -16.85
C GLN A 222 21.17 -19.76 -15.94
N PRO A 223 21.21 -20.85 -15.16
CA PRO A 223 20.19 -21.04 -14.11
C PRO A 223 20.31 -19.95 -13.05
N PHE A 224 19.17 -19.54 -12.50
CA PHE A 224 19.20 -18.41 -11.58
C PHE A 224 19.90 -18.80 -10.28
N THR A 225 20.79 -17.94 -9.81
CA THR A 225 21.39 -18.03 -8.49
C THR A 225 21.25 -16.67 -7.83
N ASN A 226 21.37 -16.62 -6.50
CA ASN A 226 21.35 -15.33 -5.82
C ASN A 226 22.45 -15.33 -4.77
N ILE A 227 22.57 -14.23 -4.01
CA ILE A 227 23.71 -14.07 -3.12
C ILE A 227 23.74 -15.17 -2.08
N LEU A 228 22.58 -15.71 -1.70
CA LEU A 228 22.55 -16.66 -0.59
C LEU A 228 22.98 -18.06 -1.04
N ASN A 229 22.69 -18.44 -2.29
CA ASN A 229 23.23 -19.68 -2.81
C ASN A 229 24.76 -19.63 -2.85
N ALA A 230 25.32 -18.50 -3.24
CA ALA A 230 26.76 -18.34 -3.38
C ALA A 230 27.44 -18.33 -2.04
N CYS A 231 26.88 -17.59 -1.09
CA CYS A 231 27.44 -17.41 0.25
C CYS A 231 26.34 -17.64 1.28
N PRO A 232 26.10 -18.90 1.67
CA PRO A 232 25.06 -19.19 2.69
C PRO A 232 25.31 -18.48 4.01
N GLU A 233 26.58 -18.23 4.37
CA GLU A 233 26.93 -17.58 5.62
C GLU A 233 26.18 -16.26 5.87
N LEU A 234 25.71 -15.60 4.82
CA LEU A 234 25.05 -14.30 4.97
C LEU A 234 23.58 -14.41 5.28
N TYR A 235 23.06 -15.63 5.48
CA TYR A 235 21.63 -15.85 5.56
C TYR A 235 20.98 -14.98 6.65
N ASP A 236 21.62 -14.89 7.81
CA ASP A 236 21.01 -14.23 8.97
C ASP A 236 20.93 -12.72 8.82
N ARG A 237 21.41 -12.16 7.71
CA ARG A 237 21.34 -10.74 7.49
C ARG A 237 21.02 -10.43 6.03
N THR A 238 20.14 -11.24 5.44
CA THR A 238 19.64 -11.01 4.10
C THR A 238 18.12 -11.06 4.10
N ILE A 239 17.50 -10.02 3.53
CA ILE A 239 16.10 -10.05 3.13
C ILE A 239 16.04 -10.43 1.64
N VAL A 240 15.19 -11.39 1.31
CA VAL A 240 14.95 -11.82 -0.07
C VAL A 240 13.62 -11.24 -0.52
N LEU A 241 13.61 -10.55 -1.67
CA LEU A 241 12.42 -9.86 -2.16
C LEU A 241 12.02 -10.42 -3.51
N ASN A 242 10.73 -10.66 -3.71
CA ASN A 242 10.26 -11.41 -4.88
C ASN A 242 8.78 -11.12 -5.08
N GLY A 243 8.19 -11.79 -6.07
CA GLY A 243 6.79 -11.53 -6.36
C GLY A 243 6.33 -12.33 -7.56
N VAL A 244 5.00 -12.34 -7.73
CA VAL A 244 4.36 -12.95 -8.90
C VAL A 244 4.21 -11.98 -10.07
N SER A 245 4.62 -10.71 -9.92
CA SER A 245 4.39 -9.71 -10.96
C SER A 245 4.88 -10.19 -12.34
N LYS A 246 6.19 -10.42 -12.46
CA LYS A 246 6.80 -10.66 -13.76
C LYS A 246 6.75 -12.12 -14.16
N ALA A 247 6.85 -13.03 -13.20
CA ALA A 247 6.94 -14.45 -13.51
C ALA A 247 5.62 -15.02 -14.03
N TYR A 248 4.48 -14.41 -13.68
CA TYR A 248 3.17 -14.88 -14.11
C TYR A 248 2.34 -13.79 -14.80
N ALA A 249 2.95 -12.65 -15.15
CA ALA A 249 2.24 -11.57 -15.84
C ALA A 249 1.02 -11.11 -15.02
N MET A 250 1.25 -10.93 -13.73
CA MET A 250 0.23 -10.52 -12.78
C MET A 250 0.54 -9.10 -12.29
N THR A 251 1.00 -8.26 -13.22
CA THR A 251 1.55 -6.95 -12.88
C THR A 251 0.54 -6.11 -12.11
N GLY A 252 -0.69 -5.99 -12.64
CA GLY A 252 -1.72 -5.21 -12.00
C GLY A 252 -2.36 -5.86 -10.77
N TRP A 253 -2.03 -7.12 -10.44
CA TRP A 253 -2.63 -7.75 -9.26
C TRP A 253 -2.01 -7.28 -7.94
N ARG A 254 -0.78 -6.75 -7.96
CA ARG A 254 -0.14 -6.10 -6.81
C ARG A 254 0.06 -7.08 -5.65
N ILE A 255 0.79 -8.17 -5.90
CA ILE A 255 1.14 -9.12 -4.85
C ILE A 255 2.65 -9.37 -4.91
N GLY A 256 3.37 -8.94 -3.87
CA GLY A 256 4.76 -9.29 -3.67
C GLY A 256 4.98 -10.05 -2.37
N TYR A 257 6.24 -10.41 -2.14
CA TYR A 257 6.55 -11.13 -0.91
C TYR A 257 8.05 -11.06 -0.63
N ALA A 258 8.40 -11.45 0.59
CA ALA A 258 9.74 -11.28 1.12
C ALA A 258 9.98 -12.30 2.21
N ALA A 259 11.24 -12.63 2.42
CA ALA A 259 11.60 -13.48 3.55
C ALA A 259 12.95 -13.03 4.08
N GLY A 260 13.09 -13.09 5.38
CA GLY A 260 14.30 -12.60 6.01
C GLY A 260 14.21 -12.77 7.50
N PRO A 261 15.09 -12.10 8.22
CA PRO A 261 15.12 -12.28 9.67
C PRO A 261 13.77 -11.89 10.29
N ALA A 262 13.32 -12.73 11.22
CA ALA A 262 12.02 -12.51 11.86
C ALA A 262 11.84 -11.12 12.45
N PRO A 263 12.81 -10.54 13.19
CA PRO A 263 12.57 -9.20 13.75
C PRO A 263 12.36 -8.14 12.67
N LEU A 264 13.08 -8.25 11.55
CA LEU A 264 12.90 -7.29 10.47
C LEU A 264 11.55 -7.49 9.79
N ILE A 265 11.15 -8.74 9.59
CA ILE A 265 9.89 -8.99 8.91
C ILE A 265 8.73 -8.48 9.77
N ASN A 266 8.83 -8.67 11.08
CA ASN A 266 7.78 -8.15 11.95
C ASN A 266 7.69 -6.63 11.89
N ALA A 267 8.85 -5.94 11.85
CA ALA A 267 8.81 -4.48 11.74
C ALA A 267 8.19 -4.05 10.42
N MET A 268 8.56 -4.72 9.32
CA MET A 268 7.96 -4.39 8.03
C MET A 268 6.46 -4.62 8.07
N LYS A 269 6.03 -5.67 8.76
CA LYS A 269 4.60 -5.91 8.93
C LYS A 269 3.95 -4.78 9.73
N THR A 270 4.68 -4.21 10.69
CA THR A 270 4.14 -3.09 11.45
C THR A 270 3.85 -1.91 10.54
N ILE A 271 4.79 -1.58 9.63
CA ILE A 271 4.56 -0.46 8.71
C ILE A 271 3.38 -0.76 7.80
N GLN A 272 3.27 -2.02 7.39
CA GLN A 272 2.22 -2.40 6.44
C GLN A 272 0.85 -2.34 7.08
N SER A 273 0.72 -2.80 8.33
CA SER A 273 -0.58 -2.73 9.02
C SER A 273 -1.05 -1.29 9.23
N GLN A 274 -0.13 -0.32 9.20
CA GLN A 274 -0.48 1.08 9.37
C GLN A 274 -0.48 1.84 8.05
N SER A 275 -0.48 1.15 6.91
CA SER A 275 -0.50 1.86 5.64
C SER A 275 -1.51 1.22 4.69
N THR A 276 -1.36 -0.07 4.39
CA THR A 276 -2.32 -0.71 3.51
C THR A 276 -3.16 -1.77 4.21
N SER A 277 -2.77 -2.20 5.39
CA SER A 277 -3.13 -3.51 5.95
C SER A 277 -2.91 -4.56 4.85
N ASN A 278 -3.75 -5.60 4.82
CA ASN A 278 -3.48 -6.77 3.98
C ASN A 278 -3.67 -6.43 2.52
N PRO A 279 -3.03 -7.16 1.62
CA PRO A 279 -3.29 -6.96 0.20
C PRO A 279 -4.67 -7.51 -0.17
N CYS A 280 -5.16 -7.08 -1.32
CA CYS A 280 -6.38 -7.61 -1.93
C CYS A 280 -6.52 -9.11 -1.71
N SER A 281 -7.54 -9.53 -0.97
CA SER A 281 -7.68 -10.95 -0.66
C SER A 281 -7.96 -11.79 -1.90
N ILE A 282 -8.65 -11.23 -2.90
CA ILE A 282 -8.82 -11.96 -4.15
C ILE A 282 -7.48 -12.16 -4.84
N ALA A 283 -6.59 -11.16 -4.74
CA ALA A 283 -5.30 -11.27 -5.41
C ALA A 283 -4.41 -12.28 -4.72
N GLN A 284 -4.53 -12.39 -3.38
CA GLN A 284 -3.79 -13.41 -2.66
C GLN A 284 -4.18 -14.81 -3.14
N ARG A 285 -5.49 -15.05 -3.26
CA ARG A 285 -5.95 -16.32 -3.79
C ARG A 285 -5.39 -16.59 -5.18
N ALA A 286 -5.41 -15.58 -6.05
CA ALA A 286 -4.81 -15.74 -7.36
C ALA A 286 -3.34 -16.10 -7.25
N ALA A 287 -2.65 -15.48 -6.29
CA ALA A 287 -1.22 -15.72 -6.15
C ALA A 287 -0.95 -17.15 -5.73
N VAL A 288 -1.80 -17.72 -4.87
CA VAL A 288 -1.66 -19.11 -4.45
C VAL A 288 -1.72 -20.03 -5.66
N ALA A 289 -2.73 -19.84 -6.50
CA ALA A 289 -2.82 -20.63 -7.72
C ALA A 289 -1.55 -20.53 -8.54
N ALA A 290 -0.93 -19.36 -8.59
CA ALA A 290 0.27 -19.17 -9.41
C ALA A 290 1.45 -19.96 -8.85
N LEU A 291 1.81 -19.70 -7.59
CA LEU A 291 2.99 -20.32 -7.00
C LEU A 291 2.83 -21.84 -6.94
N ASN A 292 1.65 -22.33 -6.56
CA ASN A 292 1.36 -23.76 -6.49
C ASN A 292 1.12 -24.42 -7.83
N GLY A 293 1.18 -23.67 -8.95
CA GLY A 293 0.94 -24.24 -10.27
C GLY A 293 2.25 -24.55 -10.99
N SER A 294 2.10 -25.20 -12.15
CA SER A 294 3.27 -25.58 -12.94
C SER A 294 3.85 -24.37 -13.68
N ASN A 295 5.17 -24.39 -13.86
CA ASN A 295 5.89 -23.31 -14.51
C ASN A 295 5.72 -23.29 -16.03
N GLU A 296 4.73 -23.98 -16.61
CA GLU A 296 4.68 -24.09 -18.07
C GLU A 296 4.51 -22.71 -18.72
N SER A 297 3.50 -21.96 -18.32
CA SER A 297 3.30 -20.63 -18.88
C SER A 297 4.53 -19.75 -18.72
N ILE A 298 5.38 -20.02 -17.72
CA ILE A 298 6.65 -19.32 -17.60
C ILE A 298 7.57 -19.69 -18.76
N GLU A 299 7.83 -21.00 -18.93
CA GLU A 299 8.78 -21.43 -19.94
C GLU A 299 8.38 -20.93 -21.32
N GLU A 300 7.08 -20.99 -21.63
CA GLU A 300 6.61 -20.46 -22.90
C GLU A 300 6.85 -18.97 -22.99
N MET A 301 6.55 -18.23 -21.92
CA MET A 301 6.79 -16.79 -21.93
C MET A 301 8.28 -16.49 -22.07
N VAL A 302 9.12 -17.19 -21.31
CA VAL A 302 10.55 -16.86 -21.29
C VAL A 302 11.20 -17.21 -22.63
N ASN A 303 10.78 -18.30 -23.27
CA ASN A 303 11.32 -18.63 -24.59
C ASN A 303 11.03 -17.50 -25.58
N ALA A 304 9.84 -16.93 -25.52
CA ALA A 304 9.46 -15.85 -26.42
C ALA A 304 10.27 -14.58 -26.12
N PHE A 305 10.37 -14.20 -24.85
CA PHE A 305 11.21 -13.05 -24.49
C PHE A 305 12.63 -13.21 -25.02
N HIS A 306 13.18 -14.42 -24.94
CA HIS A 306 14.52 -14.68 -25.43
C HIS A 306 14.63 -14.47 -26.94
N GLN A 307 13.66 -14.99 -27.70
CA GLN A 307 13.78 -14.80 -29.15
C GLN A 307 13.53 -13.35 -29.55
N ARG A 308 12.63 -12.65 -28.83
CA ARG A 308 12.49 -11.22 -29.01
C ARG A 308 13.76 -10.47 -28.64
N HIS A 309 14.45 -10.92 -27.60
CA HIS A 309 15.67 -10.21 -27.21
C HIS A 309 16.73 -10.34 -28.29
N ASP A 310 16.91 -11.54 -28.84
CA ASP A 310 17.92 -11.72 -29.86
C ASP A 310 17.58 -10.89 -31.09
N TYR A 311 16.30 -10.82 -31.44
CA TYR A 311 15.87 -10.00 -32.57
C TYR A 311 16.23 -8.55 -32.32
N VAL A 312 15.93 -8.05 -31.13
CA VAL A 312 16.15 -6.63 -30.86
C VAL A 312 17.64 -6.34 -30.80
N ALA A 313 18.41 -7.17 -30.08
CA ALA A 313 19.84 -6.93 -29.98
C ALA A 313 20.48 -6.91 -31.37
N ASP A 314 20.02 -7.78 -32.27
CA ASP A 314 20.62 -7.75 -33.61
C ASP A 314 20.16 -6.52 -34.39
N ARG A 315 18.90 -6.10 -34.23
CA ARG A 315 18.46 -4.86 -34.85
C ARG A 315 19.30 -3.68 -34.38
N LEU A 316 19.50 -3.55 -33.06
CA LEU A 316 20.29 -2.43 -32.55
C LEU A 316 21.74 -2.50 -33.01
N GLN A 317 22.24 -3.70 -33.30
CA GLN A 317 23.63 -3.82 -33.73
C GLN A 317 23.81 -3.22 -35.11
N SER A 318 22.76 -3.24 -35.92
CA SER A 318 22.83 -2.71 -37.28
C SER A 318 22.73 -1.20 -37.35
N ILE A 319 22.43 -0.52 -36.25
CA ILE A 319 22.22 0.94 -36.28
C ILE A 319 23.50 1.62 -35.87
N ASP A 320 24.11 2.36 -36.81
CA ASP A 320 25.38 3.02 -36.52
C ASP A 320 25.22 4.00 -35.36
N GLY A 321 26.15 3.95 -34.43
CA GLY A 321 26.11 4.80 -33.26
C GLY A 321 25.54 4.16 -32.01
N ILE A 322 24.99 2.95 -32.12
CA ILE A 322 24.40 2.27 -30.96
C ILE A 322 25.34 1.14 -30.56
N GLU A 323 25.82 1.19 -29.33
CA GLU A 323 26.62 0.13 -28.74
C GLU A 323 25.70 -0.75 -27.88
N VAL A 324 25.66 -2.05 -28.18
CA VAL A 324 24.67 -2.95 -27.61
C VAL A 324 25.34 -3.98 -26.74
N ILE A 325 24.79 -4.17 -25.53
CA ILE A 325 25.21 -5.16 -24.57
C ILE A 325 24.04 -6.12 -24.41
N PRO A 326 24.19 -7.41 -24.72
CA PRO A 326 23.02 -8.29 -24.70
C PRO A 326 22.67 -8.63 -23.26
N ALA A 327 21.37 -8.76 -23.00
CA ALA A 327 20.90 -9.12 -21.66
C ALA A 327 20.97 -10.64 -21.40
N ASP A 328 21.12 -11.00 -20.12
CA ASP A 328 20.98 -12.38 -19.72
C ASP A 328 19.55 -12.79 -19.44
N GLY A 329 18.63 -11.83 -19.34
CA GLY A 329 17.30 -12.12 -18.85
C GLY A 329 16.44 -10.86 -18.82
N THR A 330 15.30 -10.97 -18.14
CA THR A 330 14.24 -9.94 -18.06
C THR A 330 13.63 -9.68 -19.44
N PHE A 331 12.88 -8.58 -19.57
CA PHE A 331 12.49 -8.14 -20.91
C PHE A 331 13.07 -6.77 -21.25
N TYR A 332 14.20 -6.41 -20.65
CA TYR A 332 14.89 -5.16 -20.92
C TYR A 332 16.25 -5.39 -21.58
N ILE A 333 16.65 -4.39 -22.36
CA ILE A 333 18.01 -4.27 -22.91
C ILE A 333 18.36 -2.79 -22.79
N PHE A 334 19.64 -2.51 -22.56
CA PHE A 334 20.08 -1.18 -22.12
C PHE A 334 21.25 -0.71 -22.97
N PRO A 335 21.03 -0.46 -24.27
CA PRO A 335 22.13 0.01 -25.13
C PRO A 335 22.51 1.44 -24.86
N SER A 336 23.70 1.84 -25.32
CA SER A 336 24.16 3.21 -25.18
C SER A 336 24.05 3.96 -26.50
N VAL A 337 23.41 5.12 -26.46
CA VAL A 337 23.28 5.97 -27.63
C VAL A 337 24.27 7.14 -27.58
N GLN A 338 25.35 7.00 -26.81
CA GLN A 338 26.21 8.14 -26.49
C GLN A 338 26.84 8.72 -27.76
N ALA A 339 27.31 7.85 -28.66
CA ALA A 339 27.87 8.31 -29.93
C ALA A 339 26.90 9.21 -30.69
N ILE A 340 25.61 8.85 -30.69
CA ILE A 340 24.62 9.65 -31.37
C ILE A 340 24.38 10.98 -30.65
N ILE A 341 24.34 10.95 -29.31
CA ILE A 341 24.18 12.19 -28.54
C ILE A 341 25.29 13.17 -28.87
N GLU A 342 26.51 12.68 -29.02
CA GLU A 342 27.66 13.56 -29.21
C GLU A 342 27.70 14.14 -30.61
N LYS A 343 27.50 13.30 -31.63
CA LYS A 343 27.65 13.78 -32.99
C LYS A 343 26.58 14.81 -33.33
N ARG A 344 25.42 14.73 -32.69
CA ARG A 344 24.34 15.64 -33.00
C ARG A 344 24.30 16.85 -32.09
N GLY A 345 24.93 16.79 -30.92
CA GLY A 345 24.96 17.93 -30.04
C GLY A 345 23.85 18.02 -29.00
N TYR A 346 23.12 16.92 -28.74
CA TYR A 346 22.10 16.92 -27.70
C TYR A 346 22.74 17.07 -26.32
N ALA A 347 22.00 17.68 -25.40
CA ALA A 347 22.51 17.85 -24.06
C ALA A 347 22.80 16.50 -23.41
N ASN A 348 21.92 15.53 -23.61
CA ASN A 348 21.97 14.30 -22.84
C ASN A 348 20.92 13.31 -23.35
N ASP A 349 20.82 12.15 -22.71
CA ASP A 349 19.91 11.12 -23.22
C ASP A 349 18.44 11.52 -23.07
N ILE A 350 18.15 12.45 -22.17
CA ILE A 350 16.78 12.96 -22.02
C ILE A 350 16.34 13.67 -23.28
N GLU A 351 17.23 14.51 -23.82
CA GLU A 351 16.92 15.17 -25.07
C GLU A 351 16.85 14.17 -26.21
N PHE A 352 17.74 13.17 -26.21
CA PHE A 352 17.64 12.10 -27.19
C PHE A 352 16.25 11.48 -27.15
N SER A 353 15.75 11.21 -25.93
CA SER A 353 14.46 10.56 -25.75
C SER A 353 13.32 11.45 -26.23
N GLU A 354 13.39 12.75 -25.91
CA GLU A 354 12.32 13.69 -26.27
C GLU A 354 12.25 13.90 -27.77
N LYS A 355 13.42 14.10 -28.41
CA LYS A 355 13.48 14.21 -29.86
C LYS A 355 12.93 12.96 -30.54
N LEU A 356 13.33 11.77 -30.06
CA LEU A 356 12.90 10.56 -30.73
C LEU A 356 11.39 10.38 -30.61
N LEU A 357 10.85 10.57 -29.41
CA LEU A 357 9.39 10.56 -29.26
C LEU A 357 8.76 11.54 -30.24
N ASN A 358 9.22 12.79 -30.23
CA ASN A 358 8.57 13.83 -31.03
C ASN A 358 8.73 13.58 -32.52
N GLU A 359 9.79 12.89 -32.94
CA GLU A 359 9.99 12.73 -34.38
C GLU A 359 9.36 11.45 -34.93
N VAL A 360 9.59 10.28 -34.31
CA VAL A 360 9.07 9.03 -34.88
C VAL A 360 8.13 8.28 -33.93
N GLY A 361 7.79 8.84 -32.78
CA GLY A 361 6.74 8.25 -31.97
C GLY A 361 7.13 7.08 -31.09
N VAL A 362 8.41 6.83 -30.88
CA VAL A 362 8.86 5.78 -29.98
C VAL A 362 9.15 6.42 -28.63
N ALA A 363 8.50 5.90 -27.59
CA ALA A 363 8.71 6.34 -26.20
C ALA A 363 9.58 5.33 -25.46
N LEU A 364 10.70 5.80 -24.90
CA LEU A 364 11.64 5.01 -24.12
C LEU A 364 11.89 5.71 -22.79
N VAL A 365 12.65 5.05 -21.92
CA VAL A 365 13.09 5.64 -20.66
C VAL A 365 14.55 6.02 -20.82
N PRO A 366 14.94 7.27 -20.55
CA PRO A 366 16.34 7.65 -20.75
C PRO A 366 17.19 7.06 -19.66
N GLY A 367 18.43 6.71 -20.03
CA GLY A 367 19.29 5.97 -19.11
C GLY A 367 19.61 6.71 -17.83
N SER A 368 19.49 8.04 -17.82
CA SER A 368 19.83 8.82 -16.64
C SER A 368 18.82 8.62 -15.51
N ALA A 369 17.60 8.22 -15.83
CA ALA A 369 16.65 7.86 -14.79
C ALA A 369 17.13 6.67 -13.96
N PHE A 370 18.10 5.90 -14.47
CA PHE A 370 18.68 4.77 -13.76
C PHE A 370 20.10 5.06 -13.27
N GLY A 371 20.58 6.29 -13.42
CA GLY A 371 21.90 6.63 -12.96
C GLY A 371 23.01 6.36 -13.95
N THR A 372 22.68 6.08 -15.21
CA THR A 372 23.66 5.74 -16.23
C THR A 372 23.37 6.57 -17.47
N GLU A 373 24.13 7.65 -17.61
CA GLU A 373 23.85 8.63 -18.65
C GLU A 373 24.34 8.13 -20.00
N GLY A 374 23.54 8.38 -21.04
CA GLY A 374 23.93 8.04 -22.39
C GLY A 374 23.34 6.76 -22.91
N CYS A 375 22.49 6.10 -22.12
CA CYS A 375 21.82 4.88 -22.50
C CYS A 375 20.34 5.11 -22.65
N ILE A 376 19.65 4.06 -23.06
CA ILE A 376 18.20 4.04 -23.13
C ILE A 376 17.74 2.65 -22.71
N ARG A 377 16.54 2.58 -22.15
CA ARG A 377 15.98 1.30 -21.76
C ARG A 377 14.87 0.96 -22.75
N ILE A 378 15.00 -0.21 -23.36
CA ILE A 378 14.06 -0.74 -24.33
C ILE A 378 13.47 -2.02 -23.76
N SER A 379 12.14 -2.09 -23.73
CA SER A 379 11.47 -3.29 -23.29
C SER A 379 11.01 -4.09 -24.50
N PHE A 380 11.39 -5.36 -24.54
CA PHE A 380 10.89 -6.25 -25.57
C PHE A 380 9.77 -7.16 -25.07
N ALA A 381 8.95 -6.66 -24.14
CA ALA A 381 7.80 -7.38 -23.63
C ALA A 381 6.54 -7.10 -24.42
N THR A 382 6.68 -6.73 -25.69
CA THR A 382 5.56 -6.63 -26.61
C THR A 382 5.81 -7.54 -27.81
N GLY A 383 4.76 -7.72 -28.60
CA GLY A 383 4.83 -8.64 -29.72
C GLY A 383 5.85 -8.22 -30.76
N ILE A 384 6.43 -9.22 -31.43
CA ILE A 384 7.51 -8.95 -32.36
C ILE A 384 7.10 -8.00 -33.48
N ASP A 385 5.80 -7.88 -33.76
CA ASP A 385 5.36 -6.95 -34.79
C ASP A 385 5.57 -5.51 -34.33
N THR A 386 5.08 -5.18 -33.15
CA THR A 386 5.39 -3.90 -32.53
C THR A 386 6.89 -3.68 -32.46
N LEU A 387 7.67 -4.73 -32.19
CA LEU A 387 9.10 -4.54 -32.05
C LEU A 387 9.72 -4.16 -33.38
N LYS A 388 9.40 -4.91 -34.45
CA LYS A 388 9.97 -4.60 -35.75
C LYS A 388 9.60 -3.18 -36.19
N ASP A 389 8.37 -2.73 -35.88
CA ASP A 389 7.97 -1.39 -36.27
C ASP A 389 8.80 -0.36 -35.52
N ALA A 390 8.81 -0.48 -34.20
CA ALA A 390 9.52 0.48 -33.35
C ALA A 390 11.00 0.55 -33.72
N LEU A 391 11.60 -0.60 -33.99
CA LEU A 391 13.02 -0.59 -34.32
C LEU A 391 13.25 0.00 -35.70
N ASN A 392 12.32 -0.19 -36.62
CA ASN A 392 12.40 0.53 -37.89
C ASN A 392 12.38 2.03 -37.64
N ARG A 393 11.49 2.49 -36.75
CA ARG A 393 11.38 3.93 -36.47
C ARG A 393 12.65 4.46 -35.80
N LEU A 394 13.20 3.70 -34.87
CA LEU A 394 14.44 4.09 -34.22
C LEU A 394 15.59 4.13 -35.22
N GLN A 395 15.57 3.24 -36.19
CA GLN A 395 16.59 3.25 -37.24
C GLN A 395 16.47 4.50 -38.10
N ARG A 396 15.25 4.82 -38.55
CA ARG A 396 15.04 6.06 -39.29
C ARG A 396 15.52 7.28 -38.51
N PHE A 397 15.26 7.31 -37.21
CA PHE A 397 15.65 8.46 -36.39
C PHE A 397 17.16 8.60 -36.34
N CYS A 398 17.87 7.49 -36.21
CA CYS A 398 19.31 7.49 -36.08
C CYS A 398 20.04 7.70 -37.41
N SER A 399 19.33 7.75 -38.53
CA SER A 399 19.95 8.03 -39.83
C SER A 399 20.31 9.51 -39.97
N MET B 8 24.62 -10.10 16.28
CA MET B 8 23.81 -11.22 15.83
C MET B 8 22.40 -10.78 15.42
N ASP B 9 21.91 -9.69 16.01
CA ASP B 9 20.52 -9.26 15.83
C ASP B 9 20.42 -7.99 14.98
N ILE B 10 19.39 -7.96 14.14
CA ILE B 10 19.14 -6.83 13.24
C ILE B 10 18.57 -5.68 14.05
N ALA B 11 19.20 -4.52 13.96
CA ALA B 11 18.67 -3.30 14.56
C ALA B 11 17.67 -2.65 13.61
N LEU B 12 16.56 -2.17 14.16
CA LEU B 12 15.41 -1.71 13.40
C LEU B 12 15.21 -0.20 13.58
N ALA B 13 14.43 0.40 12.68
CA ALA B 13 14.40 1.86 12.56
C ALA B 13 13.73 2.51 13.76
N LYS B 14 14.26 3.66 14.18
CA LYS B 14 13.70 4.35 15.33
C LYS B 14 12.21 4.66 15.15
N ARG B 15 11.82 5.07 13.95
CA ARG B 15 10.42 5.39 13.70
C ARG B 15 9.51 4.19 14.00
N VAL B 16 9.96 2.98 13.72
CA VAL B 16 9.07 1.86 13.98
C VAL B 16 8.97 1.57 15.48
N GLN B 17 9.94 2.02 16.29
CA GLN B 17 9.86 1.84 17.73
C GLN B 17 8.85 2.78 18.37
N LYS B 18 8.38 3.80 17.64
CA LYS B 18 7.41 4.76 18.15
C LYS B 18 5.99 4.20 18.18
N VAL B 19 5.75 3.12 17.45
CA VAL B 19 4.42 2.56 17.31
C VAL B 19 4.42 1.17 17.95
N LYS B 20 3.30 0.82 18.55
CA LYS B 20 3.05 -0.42 19.24
C LYS B 20 1.91 -1.16 18.52
N PRO B 21 1.91 -2.50 18.50
CA PRO B 21 0.90 -3.22 17.70
C PRO B 21 -0.55 -2.77 17.90
N SER B 22 -1.32 -2.86 16.81
CA SER B 22 -2.71 -2.44 16.80
C SER B 22 -3.55 -3.30 17.74
N PRO B 23 -4.30 -2.70 18.66
CA PRO B 23 -5.14 -3.51 19.56
C PRO B 23 -6.39 -4.05 18.89
N THR B 24 -6.90 -3.42 17.83
CA THR B 24 -8.01 -4.02 17.08
C THR B 24 -7.53 -5.27 16.34
N LEU B 25 -6.35 -5.21 15.74
CA LEU B 25 -5.85 -6.37 15.01
C LEU B 25 -5.48 -7.50 15.96
N ALA B 26 -5.05 -7.18 17.19
CA ALA B 26 -4.65 -8.22 18.13
C ALA B 26 -5.84 -8.92 18.77
N VAL B 27 -6.95 -8.21 19.01
CA VAL B 27 -8.15 -8.87 19.50
C VAL B 27 -8.71 -9.82 18.44
N ALA B 28 -8.76 -9.35 17.19
CA ALA B 28 -9.26 -10.19 16.10
C ALA B 28 -8.46 -11.47 15.99
N ALA B 29 -7.13 -11.37 16.00
CA ALA B 29 -6.27 -12.54 15.82
C ALA B 29 -6.31 -13.48 17.04
N LYS B 30 -6.42 -12.92 18.25
CA LYS B 30 -6.45 -13.76 19.45
C LYS B 30 -7.77 -14.53 19.56
N ALA B 31 -8.87 -13.92 19.12
CA ALA B 31 -10.14 -14.64 19.08
C ALA B 31 -10.13 -15.72 18.01
N ALA B 32 -9.36 -15.50 16.93
CA ALA B 32 -9.30 -16.47 15.84
C ALA B 32 -8.55 -17.73 16.25
N GLN B 33 -7.54 -17.60 17.11
CA GLN B 33 -6.87 -18.78 17.64
C GLN B 33 -7.78 -19.53 18.61
N MET B 34 -8.53 -18.80 19.43
CA MET B 34 -9.39 -19.43 20.41
C MET B 34 -10.54 -20.19 19.75
N LYS B 35 -11.13 -19.61 18.70
CA LYS B 35 -12.09 -20.38 17.94
C LYS B 35 -11.43 -21.54 17.23
N ALA B 36 -10.18 -21.35 16.78
CA ALA B 36 -9.48 -22.40 16.05
C ALA B 36 -9.10 -23.58 16.94
N GLN B 37 -9.02 -23.38 18.25
CA GLN B 37 -8.80 -24.48 19.17
C GLN B 37 -10.10 -25.08 19.70
N GLY B 38 -11.22 -24.43 19.47
CA GLY B 38 -12.52 -25.00 19.80
C GLY B 38 -13.24 -24.34 20.95
N LEU B 39 -12.68 -23.31 21.56
CA LEU B 39 -13.38 -22.65 22.65
C LEU B 39 -14.62 -21.93 22.10
N ASP B 40 -15.62 -21.75 22.96
CA ASP B 40 -16.91 -21.18 22.59
C ASP B 40 -16.83 -19.65 22.64
N ILE B 41 -16.24 -19.06 21.60
CA ILE B 41 -15.98 -17.62 21.57
C ILE B 41 -17.01 -16.91 20.71
N ILE B 42 -17.45 -15.75 21.16
CA ILE B 42 -18.20 -14.82 20.32
C ILE B 42 -17.35 -13.58 20.10
N GLY B 43 -17.08 -13.27 18.84
CA GLY B 43 -16.31 -12.09 18.49
C GLY B 43 -17.20 -10.87 18.39
N LEU B 44 -16.98 -9.88 19.25
CA LEU B 44 -17.73 -8.63 19.23
C LEU B 44 -16.83 -7.44 18.93
N GLY B 45 -15.71 -7.66 18.23
CA GLY B 45 -14.75 -6.60 18.00
C GLY B 45 -14.24 -6.52 16.58
N THR B 46 -14.96 -7.13 15.63
CA THR B 46 -14.64 -7.01 14.21
C THR B 46 -14.79 -5.57 13.74
N GLY B 47 -13.96 -5.18 12.78
CA GLY B 47 -14.08 -3.84 12.21
C GLY B 47 -14.66 -3.86 10.81
N GLU B 48 -15.62 -4.76 10.59
CA GLU B 48 -15.99 -5.17 9.24
C GLU B 48 -17.37 -5.83 9.19
N PRO B 49 -18.25 -5.41 8.27
CA PRO B 49 -19.61 -5.95 8.22
C PRO B 49 -19.62 -7.45 7.96
N ASP B 50 -20.76 -8.07 8.30
CA ASP B 50 -20.97 -9.49 8.07
C ASP B 50 -21.76 -9.77 6.78
N PHE B 51 -21.76 -8.82 5.84
CA PHE B 51 -22.46 -8.95 4.58
C PHE B 51 -21.45 -9.26 3.48
N ASP B 52 -21.89 -10.04 2.49
CA ASP B 52 -21.02 -10.24 1.34
C ASP B 52 -20.95 -8.98 0.50
N THR B 53 -19.94 -8.93 -0.35
CA THR B 53 -19.91 -7.90 -1.37
C THR B 53 -21.07 -8.14 -2.33
N PRO B 54 -21.91 -7.13 -2.61
CA PRO B 54 -23.13 -7.37 -3.40
C PRO B 54 -22.83 -7.93 -4.78
N GLN B 55 -23.86 -8.51 -5.37
CA GLN B 55 -23.68 -9.30 -6.58
C GLN B 55 -23.24 -8.46 -7.76
N HIS B 56 -23.82 -7.25 -7.93
CA HIS B 56 -23.47 -6.48 -9.10
C HIS B 56 -22.00 -6.04 -9.07
N ILE B 57 -21.46 -5.81 -7.89
CA ILE B 57 -20.03 -5.52 -7.77
C ILE B 57 -19.21 -6.75 -8.11
N LYS B 58 -19.57 -7.91 -7.54
CA LYS B 58 -18.85 -9.14 -7.82
C LYS B 58 -18.85 -9.46 -9.30
N LEU B 59 -20.02 -9.36 -9.94
CA LEU B 59 -20.10 -9.62 -11.37
C LEU B 59 -19.17 -8.71 -12.15
N ALA B 60 -19.14 -7.42 -11.80
CA ALA B 60 -18.29 -6.48 -12.52
C ALA B 60 -16.81 -6.85 -12.38
N ALA B 61 -16.41 -7.32 -11.19
CA ALA B 61 -15.02 -7.73 -11.00
C ALA B 61 -14.69 -8.98 -11.81
N ILE B 62 -15.57 -9.98 -11.76
CA ILE B 62 -15.37 -11.20 -12.55
C ILE B 62 -15.18 -10.86 -14.02
N SER B 63 -16.05 -9.99 -14.54
CA SER B 63 -15.97 -9.59 -15.94
C SER B 63 -14.67 -8.85 -16.25
N ALA B 64 -14.12 -8.13 -15.27
CA ALA B 64 -12.84 -7.47 -15.54
C ALA B 64 -11.69 -8.46 -15.55
N ILE B 65 -11.81 -9.56 -14.80
CA ILE B 65 -10.80 -10.62 -14.86
C ILE B 65 -10.79 -11.25 -16.24
N GLU B 66 -11.96 -11.72 -16.70
CA GLU B 66 -12.07 -12.32 -18.02
C GLU B 66 -11.71 -11.37 -19.14
N ALA B 67 -11.77 -10.06 -18.92
CA ALA B 67 -11.45 -9.11 -19.98
C ALA B 67 -9.99 -8.67 -20.00
N GLY B 68 -9.19 -9.10 -19.04
CA GLY B 68 -7.76 -8.85 -19.09
C GLY B 68 -7.30 -7.49 -18.59
N ASP B 69 -8.12 -6.80 -17.80
CA ASP B 69 -7.69 -5.55 -17.15
C ASP B 69 -6.83 -5.88 -15.93
N THR B 70 -5.68 -6.51 -16.21
CA THR B 70 -4.82 -7.07 -15.17
C THR B 70 -3.41 -6.48 -15.22
N LYS B 71 -3.30 -5.21 -15.61
CA LYS B 71 -2.00 -4.57 -15.82
C LYS B 71 -1.94 -3.26 -15.02
N TYR B 72 -0.79 -2.57 -15.13
CA TYR B 72 -0.62 -1.27 -14.49
C TYR B 72 -1.58 -0.26 -15.09
N THR B 73 -2.19 0.54 -14.22
CA THR B 73 -3.00 1.68 -14.62
C THR B 73 -2.27 2.98 -14.24
N ALA B 74 -2.96 4.10 -14.40
CA ALA B 74 -2.51 5.36 -13.80
C ALA B 74 -2.41 5.18 -12.29
N VAL B 75 -1.31 5.65 -11.70
CA VAL B 75 -1.04 5.37 -10.29
C VAL B 75 -2.21 5.83 -9.40
N ASP B 76 -2.83 6.96 -9.74
CA ASP B 76 -3.90 7.51 -8.91
C ASP B 76 -5.28 6.99 -9.25
N GLY B 77 -5.39 6.00 -10.14
CA GLY B 77 -6.65 5.33 -10.41
C GLY B 77 -7.14 5.45 -11.85
N ILE B 78 -7.84 4.41 -12.34
CA ILE B 78 -8.40 4.48 -13.69
C ILE B 78 -9.40 5.63 -13.78
N VAL B 79 -9.55 6.18 -14.98
CA VAL B 79 -10.31 7.42 -15.14
C VAL B 79 -11.79 7.18 -14.91
N GLU B 80 -12.26 5.94 -15.11
CA GLU B 80 -13.65 5.64 -14.81
C GLU B 80 -13.90 5.74 -13.31
N LEU B 81 -12.92 5.36 -12.49
CA LEU B 81 -13.13 5.41 -11.05
C LEU B 81 -12.98 6.83 -10.52
N LYS B 82 -12.03 7.58 -11.08
CA LYS B 82 -11.88 8.99 -10.71
C LYS B 82 -13.12 9.79 -11.10
N GLU B 83 -13.72 9.51 -12.26
CA GLU B 83 -14.95 10.18 -12.61
C GLU B 83 -16.10 9.77 -11.68
N ALA B 84 -16.18 8.49 -11.33
CA ALA B 84 -17.21 8.04 -10.40
C ALA B 84 -17.03 8.65 -9.01
N VAL B 85 -15.78 8.95 -8.62
CA VAL B 85 -15.59 9.64 -7.35
C VAL B 85 -16.04 11.10 -7.47
N LYS B 86 -15.63 11.77 -8.55
CA LYS B 86 -16.07 13.12 -8.80
C LYS B 86 -17.59 13.24 -8.73
N ASN B 87 -18.29 12.38 -9.44
CA ASN B 87 -19.74 12.40 -9.41
C ASN B 87 -20.31 11.93 -8.08
N LYS B 88 -19.64 11.01 -7.39
CA LYS B 88 -20.16 10.64 -6.08
C LYS B 88 -20.08 11.81 -5.10
N PHE B 89 -18.99 12.60 -5.16
CA PHE B 89 -18.89 13.76 -4.26
C PHE B 89 -19.90 14.84 -4.61
N LYS B 90 -20.11 15.09 -5.91
CA LYS B 90 -21.10 16.06 -6.31
C LYS B 90 -22.50 15.60 -5.97
N ARG B 91 -22.82 14.35 -6.29
CA ARG B 91 -24.14 13.81 -6.04
C ARG B 91 -24.40 13.66 -4.54
N ASP B 92 -23.47 13.06 -3.80
CA ASP B 92 -23.77 12.70 -2.41
C ASP B 92 -23.59 13.89 -1.47
N ASN B 93 -22.55 14.70 -1.66
CA ASN B 93 -22.19 15.71 -0.69
C ASN B 93 -22.21 17.13 -1.22
N GLU B 94 -22.63 17.35 -2.47
CA GLU B 94 -22.67 18.67 -3.09
C GLU B 94 -21.33 19.38 -2.96
N LEU B 95 -20.27 18.67 -3.34
CA LEU B 95 -18.92 19.20 -3.42
C LEU B 95 -18.40 18.99 -4.83
N ASP B 96 -17.68 19.98 -5.32
CA ASP B 96 -17.13 19.97 -6.67
C ASP B 96 -15.62 19.76 -6.62
N TYR B 97 -15.15 18.79 -7.40
CA TYR B 97 -13.75 18.42 -7.47
C TYR B 97 -13.39 18.10 -8.92
N GLN B 98 -12.20 18.49 -9.33
CA GLN B 98 -11.69 18.11 -10.64
C GLN B 98 -10.82 16.87 -10.51
N LEU B 99 -10.57 16.23 -11.65
CA LEU B 99 -9.85 14.97 -11.65
C LEU B 99 -8.47 15.12 -11.03
N ASN B 100 -7.83 16.28 -11.17
CA ASN B 100 -6.51 16.44 -10.57
C ASN B 100 -6.57 16.70 -9.06
N GLN B 101 -7.75 16.63 -8.47
CA GLN B 101 -7.93 16.74 -7.03
C GLN B 101 -8.31 15.41 -6.39
N ILE B 102 -8.22 14.30 -7.12
CA ILE B 102 -8.73 13.02 -6.68
C ILE B 102 -7.63 11.98 -6.78
N LEU B 103 -7.55 11.13 -5.76
CA LEU B 103 -6.51 10.10 -5.65
C LEU B 103 -7.12 8.82 -5.11
N VAL B 104 -6.99 7.73 -5.87
CA VAL B 104 -7.48 6.42 -5.48
C VAL B 104 -6.31 5.66 -4.86
N SER B 105 -6.56 5.04 -3.70
CA SER B 105 -5.51 4.48 -2.86
C SER B 105 -5.87 3.05 -2.47
N VAL B 106 -4.90 2.35 -1.88
CA VAL B 106 -5.04 0.94 -1.53
C VAL B 106 -5.72 0.83 -0.18
N GLY B 107 -7.04 0.99 -0.20
CA GLY B 107 -7.77 1.10 1.05
C GLY B 107 -7.75 2.52 1.55
N GLY B 108 -8.81 2.88 2.28
CA GLY B 108 -8.85 4.19 2.90
C GLY B 108 -7.76 4.43 3.92
N LYS B 109 -7.29 3.38 4.59
CA LYS B 109 -6.13 3.53 5.48
C LYS B 109 -4.92 4.11 4.73
N GLN B 110 -4.70 3.67 3.49
CA GLN B 110 -3.55 4.20 2.75
C GLN B 110 -3.72 5.67 2.38
N SER B 111 -4.96 6.11 2.10
CA SER B 111 -5.17 7.55 1.91
C SER B 111 -4.66 8.33 3.11
N CYS B 112 -5.04 7.88 4.31
CA CYS B 112 -4.59 8.54 5.54
C CYS B 112 -3.07 8.46 5.71
N TYR B 113 -2.49 7.32 5.40
CA TYR B 113 -1.04 7.18 5.51
C TYR B 113 -0.34 8.05 4.48
N ASN B 114 -0.76 7.97 3.21
CA ASN B 114 -0.20 8.86 2.20
C ASN B 114 -0.31 10.33 2.61
N LEU B 115 -1.43 10.72 3.23
CA LEU B 115 -1.62 12.11 3.63
C LEU B 115 -0.57 12.56 4.64
N CYS B 116 -0.33 11.76 5.69
CA CYS B 116 0.68 12.12 6.67
C CYS B 116 2.08 12.19 6.04
N GLN B 117 2.43 11.23 5.20
CA GLN B 117 3.77 11.17 4.64
C GLN B 117 4.01 12.33 3.68
N ALA B 118 2.93 12.83 3.07
CA ALA B 118 2.99 13.90 2.08
C ALA B 118 2.88 15.28 2.70
N TYR B 119 2.29 15.38 3.89
CA TYR B 119 2.00 16.67 4.50
C TYR B 119 2.86 16.98 5.71
N LEU B 120 3.14 16.00 6.58
CA LEU B 120 3.66 16.30 7.90
C LEU B 120 5.18 16.28 7.93
N ASN B 121 5.74 17.22 8.60
CA ASN B 121 7.15 17.40 8.90
C ASN B 121 7.39 17.03 10.35
N PRO B 122 8.60 16.61 10.70
CA PRO B 122 8.85 16.23 12.09
C PRO B 122 8.54 17.40 13.02
N GLY B 123 7.89 17.10 14.15
CA GLY B 123 7.48 18.10 15.10
C GLY B 123 6.08 18.62 14.88
N ASP B 124 5.52 18.45 13.69
CA ASP B 124 4.17 18.92 13.38
C ASP B 124 3.18 18.25 14.33
N GLU B 125 2.33 19.05 14.95
CA GLU B 125 1.27 18.53 15.80
C GLU B 125 -0.01 18.33 15.00
N VAL B 126 -0.72 17.26 15.33
CA VAL B 126 -1.98 16.91 14.69
C VAL B 126 -3.00 16.70 15.80
N ILE B 127 -4.10 17.43 15.74
CA ILE B 127 -5.16 17.29 16.73
C ILE B 127 -5.98 16.06 16.38
N ILE B 128 -6.17 15.18 17.37
CA ILE B 128 -6.92 13.93 17.24
C ILE B 128 -7.93 13.80 18.37
N PRO B 129 -9.23 13.94 18.09
CA PRO B 129 -10.22 13.75 19.16
C PRO B 129 -10.27 12.30 19.61
N ALA B 130 -10.37 12.11 20.93
CA ALA B 130 -10.60 10.84 21.60
C ALA B 130 -12.07 10.66 21.94
N PRO B 131 -12.62 9.44 21.77
CA PRO B 131 -11.98 8.23 21.27
C PRO B 131 -11.65 8.29 19.77
N TYR B 132 -10.50 7.76 19.37
CA TYR B 132 -10.05 7.85 18.00
C TYR B 132 -9.94 6.47 17.36
N TRP B 133 -10.06 6.43 16.04
CA TRP B 133 -9.60 5.27 15.29
C TRP B 133 -8.15 4.99 15.69
N VAL B 134 -7.84 3.72 15.95
CA VAL B 134 -6.55 3.38 16.57
C VAL B 134 -5.37 3.72 15.68
N SER B 135 -5.61 3.88 14.38
CA SER B 135 -4.51 4.12 13.47
C SER B 135 -4.14 5.59 13.34
N TYR B 136 -4.95 6.53 13.84
CA TYR B 136 -4.62 7.95 13.66
C TYR B 136 -3.28 8.31 14.29
N PRO B 137 -3.00 7.99 15.56
CA PRO B 137 -1.72 8.46 16.13
C PRO B 137 -0.53 7.74 15.55
N ASP B 138 -0.68 6.45 15.25
CA ASP B 138 0.40 5.66 14.65
C ASP B 138 0.84 6.26 13.34
N MET B 139 -0.12 6.55 12.46
CA MET B 139 0.19 7.19 11.19
C MET B 139 0.82 8.55 11.36
N VAL B 140 0.43 9.30 12.39
CA VAL B 140 1.05 10.60 12.62
C VAL B 140 2.49 10.43 13.07
N LEU B 141 2.76 9.45 13.94
CA LEU B 141 4.11 9.22 14.46
C LEU B 141 5.04 8.64 13.38
N LEU B 142 4.53 7.77 12.52
CA LEU B 142 5.34 7.22 11.44
C LEU B 142 5.85 8.31 10.53
N ALA B 143 5.18 9.47 10.52
CA ALA B 143 5.63 10.64 9.78
C ALA B 143 6.29 11.66 10.69
N ASP B 144 6.66 11.24 11.91
CA ASP B 144 7.35 12.06 12.89
C ASP B 144 6.54 13.27 13.34
N GLY B 145 5.22 13.28 13.07
CA GLY B 145 4.35 14.25 13.70
C GLY B 145 4.02 13.89 15.16
N VAL B 146 3.29 14.79 15.82
CA VAL B 146 3.04 14.66 17.28
C VAL B 146 1.54 14.73 17.58
N PRO B 147 0.92 13.62 17.97
CA PRO B 147 -0.53 13.62 18.22
C PRO B 147 -0.92 14.44 19.44
N VAL B 148 -2.02 15.19 19.31
CA VAL B 148 -2.51 16.06 20.37
C VAL B 148 -3.96 15.63 20.60
N ILE B 149 -4.16 14.84 21.65
CA ILE B 149 -5.45 14.22 21.92
C ILE B 149 -6.34 15.21 22.65
N ILE B 150 -7.58 15.33 22.19
CA ILE B 150 -8.62 15.98 22.96
C ILE B 150 -9.48 14.87 23.54
N GLU B 151 -9.54 14.81 24.86
CA GLU B 151 -10.29 13.75 25.53
C GLU B 151 -11.73 14.21 25.73
N THR B 152 -12.68 13.32 25.47
CA THR B 152 -14.09 13.65 25.62
C THR B 152 -14.75 12.67 26.57
N THR B 153 -15.91 13.07 27.12
CA THR B 153 -16.63 12.26 28.09
C THR B 153 -17.95 11.76 27.52
N PRO B 154 -18.50 10.66 28.10
CA PRO B 154 -19.83 10.21 27.66
C PRO B 154 -20.87 11.30 27.76
N ALA B 155 -20.73 12.22 28.74
CA ALA B 155 -21.68 13.32 28.88
C ALA B 155 -21.65 14.24 27.67
N GLN B 156 -20.46 14.60 27.17
CA GLN B 156 -20.38 15.37 25.93
C GLN B 156 -20.70 14.54 24.70
N ARG B 157 -21.32 13.37 24.88
CA ARG B 157 -21.58 12.42 23.78
C ARG B 157 -20.30 12.20 22.98
N TYR B 158 -19.16 12.22 23.69
CA TYR B 158 -17.85 11.91 23.12
C TYR B 158 -17.48 12.83 21.95
N LYS B 159 -17.99 14.07 21.96
CA LYS B 159 -17.66 15.07 20.96
C LYS B 159 -16.84 16.18 21.60
N ILE B 160 -15.93 16.78 20.82
CA ILE B 160 -15.25 17.98 21.31
C ILE B 160 -16.11 19.20 21.03
N ASN B 161 -15.98 20.20 21.90
CA ASN B 161 -16.60 21.49 21.72
C ASN B 161 -15.56 22.54 21.32
N ALA B 162 -16.07 23.71 20.97
CA ALA B 162 -15.20 24.77 20.45
C ALA B 162 -14.15 25.18 21.47
N GLN B 163 -14.52 25.23 22.75
CA GLN B 163 -13.56 25.63 23.77
C GLN B 163 -12.38 24.65 23.83
N GLN B 164 -12.65 23.35 23.69
CA GLN B 164 -11.57 22.36 23.77
C GLN B 164 -10.63 22.48 22.58
N LEU B 165 -11.19 22.71 21.39
CA LEU B 165 -10.38 22.78 20.19
C LEU B 165 -9.48 24.01 20.20
N GLU B 166 -10.00 25.14 20.68
CA GLU B 166 -9.16 26.33 20.80
C GLU B 166 -8.03 26.12 21.79
N GLN B 167 -8.32 25.51 22.95
CA GLN B 167 -7.25 25.33 23.93
C GLN B 167 -6.19 24.31 23.47
N ALA B 168 -6.54 23.42 22.54
CA ALA B 168 -5.57 22.46 22.00
C ALA B 168 -4.68 23.03 20.88
N ILE B 169 -5.09 24.10 20.17
CA ILE B 169 -4.33 24.59 19.01
C ILE B 169 -3.09 25.34 19.48
N THR B 170 -1.96 25.14 18.80
CA THR B 170 -0.72 25.82 19.07
C THR B 170 -0.14 26.35 17.74
N PRO B 171 0.96 27.11 17.80
CA PRO B 171 1.59 27.54 16.52
C PRO B 171 1.96 26.37 15.63
N LYS B 172 2.20 25.20 16.22
CA LYS B 172 2.67 24.04 15.48
C LYS B 172 1.54 23.09 15.09
N THR B 173 0.29 23.45 15.36
CA THR B 173 -0.84 22.66 14.90
C THR B 173 -0.96 22.76 13.38
N ARG B 174 -0.91 21.63 12.69
CA ARG B 174 -0.92 21.61 11.23
C ARG B 174 -2.08 20.85 10.63
N MET B 175 -2.70 19.93 11.38
CA MET B 175 -3.79 19.12 10.85
C MET B 175 -4.77 18.82 11.98
N ILE B 176 -5.99 18.47 11.60
CA ILE B 176 -6.94 17.84 12.51
C ILE B 176 -7.65 16.70 11.78
N PHE B 177 -7.90 15.60 12.50
CA PHE B 177 -8.78 14.54 12.02
C PHE B 177 -10.19 14.76 12.57
N LEU B 178 -11.17 14.84 11.68
CA LEU B 178 -12.57 14.81 12.10
C LEU B 178 -13.20 13.58 11.47
N ASN B 179 -13.61 12.62 12.33
CA ASN B 179 -14.10 11.31 11.92
C ASN B 179 -15.54 11.21 12.40
N SER B 180 -16.50 11.46 11.52
CA SER B 180 -17.90 11.52 11.92
C SER B 180 -18.79 11.02 10.80
N PRO B 181 -19.59 9.96 11.03
CA PRO B 181 -19.73 9.14 12.25
C PRO B 181 -18.43 8.44 12.63
N SER B 182 -18.24 8.21 13.92
CA SER B 182 -16.94 7.87 14.48
C SER B 182 -16.78 6.37 14.67
N ASN B 183 -15.58 5.90 14.37
CA ASN B 183 -15.03 4.64 14.87
C ASN B 183 -14.14 4.99 16.04
N PRO B 184 -14.43 4.55 17.27
CA PRO B 184 -15.29 3.50 17.82
C PRO B 184 -16.63 3.94 18.41
N SER B 185 -16.94 5.23 18.44
CA SER B 185 -18.05 5.66 19.29
C SER B 185 -19.40 5.50 18.60
N GLY B 186 -19.46 5.65 17.27
CA GLY B 186 -20.74 5.66 16.59
C GLY B 186 -21.48 6.98 16.64
N ILE B 187 -20.90 8.02 17.22
CA ILE B 187 -21.53 9.32 17.34
C ILE B 187 -21.23 10.13 16.08
N ALA B 188 -22.23 10.89 15.62
CA ALA B 188 -22.10 11.83 14.52
C ALA B 188 -22.24 13.24 15.05
N TYR B 189 -21.37 14.13 14.58
CA TYR B 189 -21.56 15.56 14.79
C TYR B 189 -22.76 16.05 13.99
N THR B 190 -23.52 16.95 14.60
CA THR B 190 -24.56 17.68 13.86
C THR B 190 -23.95 18.84 13.10
N GLN B 191 -24.72 19.37 12.15
CA GLN B 191 -24.24 20.51 11.37
C GLN B 191 -23.98 21.71 12.26
N ASN B 192 -24.85 21.92 13.26
CA ASN B 192 -24.67 23.01 14.23
C ASN B 192 -23.31 22.92 14.89
N GLU B 193 -22.97 21.74 15.42
CA GLU B 193 -21.74 21.62 16.18
C GLU B 193 -20.53 21.75 15.29
N LEU B 194 -20.62 21.28 14.04
CA LEU B 194 -19.50 21.41 13.11
C LEU B 194 -19.23 22.87 12.77
N LYS B 195 -20.30 23.66 12.53
CA LYS B 195 -20.08 25.06 12.20
C LYS B 195 -19.41 25.80 13.35
N GLU B 196 -19.80 25.50 14.60
CA GLU B 196 -19.11 26.08 15.74
C GLU B 196 -17.64 25.69 15.78
N LEU B 197 -17.32 24.49 15.29
CA LEU B 197 -15.93 24.06 15.17
C LEU B 197 -15.23 24.75 14.00
N GLY B 198 -15.89 24.79 12.83
CA GLY B 198 -15.29 25.48 11.69
C GLY B 198 -15.04 26.95 11.98
N ASP B 199 -15.83 27.54 12.86
CA ASP B 199 -15.62 28.94 13.25
C ASP B 199 -14.32 29.10 14.03
N VAL B 200 -13.92 28.08 14.80
CA VAL B 200 -12.62 28.17 15.47
C VAL B 200 -11.51 27.96 14.48
N LEU B 201 -11.66 26.96 13.60
CA LEU B 201 -10.65 26.66 12.61
C LEU B 201 -10.43 27.84 11.66
N LYS B 202 -11.50 28.61 11.38
CA LYS B 202 -11.37 29.77 10.52
C LYS B 202 -10.37 30.78 11.08
N LYS B 203 -10.19 30.80 12.40
CA LYS B 203 -9.22 31.71 12.99
C LYS B 203 -7.79 31.17 12.97
N HIS B 204 -7.56 29.96 12.45
CA HIS B 204 -6.21 29.37 12.36
C HIS B 204 -6.00 28.77 10.98
N PRO B 205 -5.63 29.59 10.00
CA PRO B 205 -5.62 29.10 8.60
C PRO B 205 -4.57 28.04 8.33
N GLN B 206 -3.60 27.85 9.22
CA GLN B 206 -2.53 26.93 8.95
C GLN B 206 -2.93 25.46 9.16
N ILE B 207 -4.11 25.19 9.72
CA ILE B 207 -4.52 23.83 10.04
C ILE B 207 -5.21 23.23 8.82
N LEU B 208 -4.62 22.15 8.29
CA LEU B 208 -5.32 21.31 7.33
C LEU B 208 -6.40 20.51 8.06
N ILE B 209 -7.55 20.34 7.42
CA ILE B 209 -8.67 19.59 7.98
C ILE B 209 -8.79 18.28 7.20
N ALA B 210 -8.64 17.16 7.90
CA ALA B 210 -8.83 15.85 7.28
C ALA B 210 -10.12 15.28 7.85
N THR B 211 -11.18 15.32 7.06
CA THR B 211 -12.46 14.76 7.45
C THR B 211 -12.58 13.35 6.89
N ASP B 212 -12.79 12.39 7.79
CA ASP B 212 -12.83 10.97 7.48
C ASP B 212 -14.29 10.53 7.50
N ASP B 213 -14.85 10.29 6.33
CA ASP B 213 -16.28 10.04 6.23
C ASP B 213 -16.56 8.61 5.80
N MET B 214 -15.63 7.69 6.04
CA MET B 214 -15.79 6.29 5.65
C MET B 214 -17.16 5.72 6.06
N TYR B 215 -17.72 6.17 7.17
CA TYR B 215 -19.00 5.63 7.62
C TYR B 215 -20.19 6.46 7.18
N GLU B 216 -20.01 7.28 6.12
CA GLU B 216 -21.00 8.30 5.74
C GLU B 216 -22.37 7.70 5.48
N HIS B 217 -22.43 6.52 4.87
CA HIS B 217 -23.74 5.91 4.58
C HIS B 217 -24.29 5.11 5.76
N ILE B 218 -23.45 4.71 6.71
CA ILE B 218 -23.93 3.90 7.83
C ILE B 218 -24.37 4.90 8.90
N ILE B 219 -25.55 5.45 8.67
CA ILE B 219 -26.08 6.49 9.56
C ILE B 219 -27.59 6.40 9.54
N TRP B 220 -28.19 6.66 10.69
CA TRP B 220 -29.64 6.65 10.80
C TRP B 220 -30.20 7.76 11.65
N SER B 221 -29.42 8.35 12.55
CA SER B 221 -29.96 9.36 13.44
C SER B 221 -30.27 10.65 12.70
N GLN B 222 -29.58 10.92 11.60
CA GLN B 222 -29.73 12.17 10.89
C GLN B 222 -29.19 11.99 9.49
N PRO B 223 -29.47 12.93 8.60
CA PRO B 223 -28.69 13.02 7.36
C PRO B 223 -27.22 13.24 7.68
N PHE B 224 -26.37 12.65 6.85
CA PHE B 224 -24.95 12.93 6.95
C PHE B 224 -24.66 14.35 6.47
N THR B 225 -23.86 15.08 7.25
CA THR B 225 -23.13 16.24 6.75
C THR B 225 -21.74 16.21 7.35
N ASN B 226 -20.81 16.89 6.70
CA ASN B 226 -19.47 17.01 7.23
C ASN B 226 -19.10 18.49 7.37
N ILE B 227 -17.83 18.75 7.64
CA ILE B 227 -17.39 20.09 8.00
C ILE B 227 -17.52 21.06 6.82
N LEU B 228 -17.56 20.56 5.59
CA LEU B 228 -17.63 21.43 4.41
C LEU B 228 -19.06 21.83 4.08
N ASN B 229 -20.02 20.94 4.32
CA ASN B 229 -21.41 21.38 4.29
C ASN B 229 -21.66 22.42 5.36
N ALA B 230 -20.96 22.31 6.49
CA ALA B 230 -21.12 23.25 7.58
C ALA B 230 -20.42 24.57 7.31
N CYS B 231 -19.22 24.53 6.73
CA CYS B 231 -18.38 25.72 6.51
C CYS B 231 -17.72 25.63 5.15
N PRO B 232 -18.45 25.91 4.08
CA PRO B 232 -17.87 25.73 2.73
C PRO B 232 -16.61 26.56 2.52
N GLU B 233 -16.40 27.62 3.29
CA GLU B 233 -15.19 28.42 3.17
C GLU B 233 -13.93 27.58 3.39
N LEU B 234 -13.99 26.56 4.25
CA LEU B 234 -12.80 25.75 4.53
C LEU B 234 -12.36 24.88 3.35
N TYR B 235 -13.03 24.98 2.19
CA TYR B 235 -12.81 24.05 1.10
C TYR B 235 -11.33 24.01 0.68
N ASP B 236 -10.67 25.17 0.70
CA ASP B 236 -9.30 25.30 0.21
C ASP B 236 -8.29 24.53 1.07
N ARG B 237 -8.64 24.20 2.29
CA ARG B 237 -7.70 23.61 3.23
C ARG B 237 -8.25 22.33 3.87
N THR B 238 -9.13 21.62 3.15
CA THR B 238 -9.76 20.39 3.64
C THR B 238 -9.57 19.27 2.63
N ILE B 239 -9.13 18.10 3.10
CA ILE B 239 -9.12 16.89 2.28
C ILE B 239 -10.15 15.92 2.85
N VAL B 240 -10.96 15.34 1.96
CA VAL B 240 -12.02 14.41 2.31
C VAL B 240 -11.54 13.00 2.02
N LEU B 241 -11.47 12.16 3.05
CA LEU B 241 -11.10 10.76 2.90
C LEU B 241 -12.33 9.87 2.98
N ASN B 242 -12.40 8.90 2.08
CA ASN B 242 -13.57 8.05 1.96
C ASN B 242 -13.13 6.71 1.37
N GLY B 243 -14.11 5.93 0.94
CA GLY B 243 -13.81 4.61 0.40
C GLY B 243 -15.08 3.79 0.34
N VAL B 244 -14.94 2.56 -0.16
CA VAL B 244 -16.08 1.66 -0.27
C VAL B 244 -16.06 0.54 0.77
N SER B 245 -14.99 0.43 1.57
CA SER B 245 -14.82 -0.72 2.45
C SER B 245 -16.03 -0.97 3.36
N LYS B 246 -16.59 0.11 3.94
CA LYS B 246 -17.62 -0.09 4.94
C LYS B 246 -19.03 -0.02 4.36
N ALA B 247 -19.28 0.86 3.38
CA ALA B 247 -20.63 1.02 2.87
C ALA B 247 -21.07 -0.19 2.06
N TYR B 248 -20.14 -0.80 1.33
CA TYR B 248 -20.45 -1.84 0.37
C TYR B 248 -19.87 -3.21 0.77
N ALA B 249 -19.37 -3.35 1.99
CA ALA B 249 -18.79 -4.61 2.47
C ALA B 249 -17.65 -5.05 1.56
N MET B 250 -16.68 -4.16 1.37
CA MET B 250 -15.57 -4.41 0.46
C MET B 250 -14.23 -4.19 1.15
N THR B 251 -14.13 -4.56 2.43
CA THR B 251 -12.89 -4.36 3.15
C THR B 251 -11.73 -5.17 2.53
N GLY B 252 -12.00 -6.41 2.13
CA GLY B 252 -10.95 -7.21 1.51
C GLY B 252 -10.46 -6.67 0.19
N TRP B 253 -11.23 -5.79 -0.46
CA TRP B 253 -10.89 -5.32 -1.78
C TRP B 253 -9.80 -4.25 -1.79
N ARG B 254 -9.66 -3.49 -0.69
CA ARG B 254 -8.59 -2.48 -0.54
C ARG B 254 -8.72 -1.34 -1.54
N ILE B 255 -9.86 -0.63 -1.51
CA ILE B 255 -10.04 0.56 -2.33
C ILE B 255 -10.57 1.71 -1.46
N GLY B 256 -9.79 2.79 -1.37
CA GLY B 256 -10.26 4.05 -0.82
C GLY B 256 -9.95 5.22 -1.74
N TYR B 257 -10.51 6.38 -1.41
CA TYR B 257 -10.29 7.53 -2.27
C TYR B 257 -10.28 8.82 -1.46
N ALA B 258 -9.65 9.86 -2.02
CA ALA B 258 -9.56 11.16 -1.37
C ALA B 258 -9.69 12.31 -2.37
N ALA B 259 -10.25 13.42 -1.89
CA ALA B 259 -10.36 14.68 -2.66
C ALA B 259 -9.88 15.84 -1.81
N GLY B 260 -9.02 16.70 -2.38
CA GLY B 260 -8.61 17.92 -1.72
C GLY B 260 -7.82 18.82 -2.64
N PRO B 261 -6.97 19.68 -2.08
CA PRO B 261 -6.18 20.60 -2.91
C PRO B 261 -5.21 19.88 -3.83
N ALA B 262 -5.15 20.33 -5.09
CA ALA B 262 -4.30 19.70 -6.09
C ALA B 262 -2.83 19.54 -5.69
N PRO B 263 -2.17 20.50 -5.05
CA PRO B 263 -0.75 20.28 -4.70
C PRO B 263 -0.58 19.24 -3.60
N LEU B 264 -1.56 19.10 -2.72
CA LEU B 264 -1.48 18.04 -1.71
C LEU B 264 -1.80 16.68 -2.32
N ILE B 265 -2.82 16.62 -3.17
CA ILE B 265 -3.15 15.38 -3.86
C ILE B 265 -1.96 14.87 -4.68
N ASN B 266 -1.17 15.78 -5.27
CA ASN B 266 -0.05 15.34 -6.12
C ASN B 266 1.11 14.80 -5.28
N ALA B 267 1.42 15.44 -4.15
CA ALA B 267 2.43 14.88 -3.26
C ALA B 267 2.03 13.51 -2.74
N MET B 268 0.75 13.33 -2.42
CA MET B 268 0.26 12.03 -1.99
C MET B 268 0.40 11.02 -3.10
N LYS B 269 0.20 11.46 -4.34
CA LYS B 269 0.39 10.59 -5.50
C LYS B 269 1.86 10.19 -5.60
N THR B 270 2.76 11.14 -5.40
CA THR B 270 4.20 10.83 -5.40
C THR B 270 4.55 9.77 -4.38
N ILE B 271 4.09 9.93 -3.14
CA ILE B 271 4.33 8.90 -2.12
C ILE B 271 3.80 7.54 -2.58
N GLN B 272 2.60 7.54 -3.15
CA GLN B 272 1.99 6.29 -3.59
C GLN B 272 2.79 5.69 -4.74
N SER B 273 3.25 6.51 -5.69
CA SER B 273 4.05 5.99 -6.81
C SER B 273 5.33 5.34 -6.35
N GLN B 274 5.80 5.64 -5.13
CA GLN B 274 7.03 5.07 -4.62
C GLN B 274 6.79 4.02 -3.52
N SER B 275 5.54 3.57 -3.33
CA SER B 275 5.26 2.55 -2.32
C SER B 275 4.41 1.41 -2.87
N THR B 276 3.18 1.66 -3.29
CA THR B 276 2.34 0.58 -3.82
C THR B 276 2.11 0.60 -5.32
N SER B 277 2.39 1.71 -5.98
CA SER B 277 1.85 2.01 -7.31
C SER B 277 0.32 1.96 -7.25
N ASN B 278 -0.33 1.71 -8.37
CA ASN B 278 -1.78 1.71 -8.45
C ASN B 278 -2.37 0.58 -7.61
N PRO B 279 -3.55 0.76 -7.05
CA PRO B 279 -4.20 -0.37 -6.40
C PRO B 279 -4.71 -1.34 -7.44
N CYS B 280 -4.81 -2.61 -7.03
CA CYS B 280 -5.30 -3.72 -7.83
C CYS B 280 -6.37 -3.27 -8.84
N SER B 281 -6.09 -3.46 -10.13
CA SER B 281 -6.96 -2.95 -11.17
C SER B 281 -8.34 -3.63 -11.17
N ILE B 282 -8.41 -4.90 -10.77
CA ILE B 282 -9.69 -5.58 -10.62
C ILE B 282 -10.55 -4.89 -9.57
N ALA B 283 -9.95 -4.54 -8.43
CA ALA B 283 -10.71 -3.87 -7.38
C ALA B 283 -11.23 -2.52 -7.82
N GLN B 284 -10.49 -1.83 -8.70
CA GLN B 284 -10.93 -0.51 -9.16
C GLN B 284 -12.20 -0.62 -9.99
N ARG B 285 -12.30 -1.66 -10.83
CA ARG B 285 -13.52 -1.89 -11.59
C ARG B 285 -14.68 -2.27 -10.68
N ALA B 286 -14.42 -3.12 -9.70
CA ALA B 286 -15.43 -3.41 -8.69
C ALA B 286 -15.87 -2.14 -7.97
N ALA B 287 -14.92 -1.25 -7.68
CA ALA B 287 -15.30 0.00 -7.04
C ALA B 287 -16.14 0.86 -7.98
N VAL B 288 -15.81 0.86 -9.27
CA VAL B 288 -16.61 1.64 -10.22
C VAL B 288 -18.05 1.17 -10.21
N ALA B 289 -18.26 -0.13 -10.10
CA ALA B 289 -19.62 -0.66 -10.09
C ALA B 289 -20.35 -0.25 -8.81
N ALA B 290 -19.63 -0.19 -7.68
CA ALA B 290 -20.24 0.18 -6.41
C ALA B 290 -20.74 1.62 -6.41
N LEU B 291 -19.85 2.57 -6.79
CA LEU B 291 -20.19 3.99 -6.75
C LEU B 291 -21.25 4.34 -7.77
N ASN B 292 -21.16 3.76 -8.97
CA ASN B 292 -22.16 4.08 -9.99
C ASN B 292 -23.46 3.32 -9.78
N GLY B 293 -23.46 2.28 -8.95
CA GLY B 293 -24.64 1.47 -8.75
C GLY B 293 -25.69 2.15 -7.89
N SER B 294 -26.79 1.44 -7.69
CA SER B 294 -27.86 1.91 -6.82
C SER B 294 -27.47 1.72 -5.36
N ASN B 295 -28.22 2.39 -4.47
CA ASN B 295 -27.96 2.32 -3.05
C ASN B 295 -28.79 1.26 -2.35
N GLU B 296 -29.30 0.28 -3.10
CA GLU B 296 -30.15 -0.75 -2.51
C GLU B 296 -29.38 -1.58 -1.47
N SER B 297 -28.14 -1.96 -1.81
CA SER B 297 -27.34 -2.73 -0.87
C SER B 297 -27.19 -2.00 0.47
N ILE B 298 -26.89 -0.70 0.40
CA ILE B 298 -26.57 0.07 1.59
C ILE B 298 -27.80 0.21 2.49
N GLU B 299 -28.89 0.74 1.94
CA GLU B 299 -30.12 0.84 2.74
C GLU B 299 -30.47 -0.48 3.38
N GLU B 300 -30.31 -1.58 2.65
CA GLU B 300 -30.56 -2.92 3.21
C GLU B 300 -29.65 -3.20 4.39
N MET B 301 -28.34 -2.98 4.21
CA MET B 301 -27.38 -3.26 5.27
C MET B 301 -27.60 -2.35 6.46
N VAL B 302 -27.78 -1.05 6.20
CA VAL B 302 -27.79 -0.04 7.25
C VAL B 302 -28.99 -0.22 8.15
N ASN B 303 -30.13 -0.61 7.59
CA ASN B 303 -31.31 -0.79 8.44
C ASN B 303 -31.13 -2.01 9.33
N ALA B 304 -30.44 -3.04 8.84
CA ALA B 304 -30.15 -4.20 9.68
C ALA B 304 -29.29 -3.79 10.87
N PHE B 305 -28.25 -2.99 10.62
CA PHE B 305 -27.41 -2.46 11.68
C PHE B 305 -28.21 -1.62 12.66
N HIS B 306 -29.13 -0.80 12.15
CA HIS B 306 -29.96 -0.02 13.04
C HIS B 306 -30.77 -0.94 13.96
N GLN B 307 -31.34 -2.01 13.39
CA GLN B 307 -32.11 -2.94 14.20
C GLN B 307 -31.23 -3.63 15.24
N ARG B 308 -30.00 -4.00 14.85
CA ARG B 308 -29.10 -4.67 15.79
C ARG B 308 -28.67 -3.73 16.90
N HIS B 309 -28.23 -2.52 16.54
CA HIS B 309 -27.85 -1.51 17.54
C HIS B 309 -28.95 -1.31 18.58
N ASP B 310 -30.18 -1.08 18.12
CA ASP B 310 -31.28 -0.80 19.03
C ASP B 310 -31.49 -1.96 20.00
N TYR B 311 -31.41 -3.20 19.49
CA TYR B 311 -31.48 -4.35 20.37
C TYR B 311 -30.31 -4.34 21.36
N VAL B 312 -29.08 -4.19 20.85
CA VAL B 312 -27.90 -4.18 21.71
C VAL B 312 -27.99 -3.08 22.75
N ALA B 313 -28.42 -1.88 22.35
CA ALA B 313 -28.43 -0.76 23.27
C ALA B 313 -29.45 -0.99 24.39
N ASP B 314 -30.68 -1.36 24.03
CA ASP B 314 -31.69 -1.75 25.01
C ASP B 314 -31.13 -2.77 26.00
N ARG B 315 -30.37 -3.76 25.51
CA ARG B 315 -29.76 -4.74 26.39
C ARG B 315 -28.82 -4.08 27.39
N LEU B 316 -27.88 -3.26 26.91
CA LEU B 316 -26.82 -2.71 27.76
C LEU B 316 -27.36 -1.76 28.83
N GLN B 317 -28.53 -1.18 28.64
CA GLN B 317 -29.11 -0.32 29.67
C GLN B 317 -29.47 -1.13 30.91
N SER B 318 -30.09 -2.29 30.70
CA SER B 318 -30.56 -3.14 31.79
C SER B 318 -29.44 -3.69 32.65
N ILE B 319 -28.19 -3.58 32.22
CA ILE B 319 -27.08 -4.12 33.01
C ILE B 319 -26.58 -3.03 33.96
N ASP B 320 -26.76 -3.28 35.25
CA ASP B 320 -26.21 -2.41 36.29
C ASP B 320 -24.72 -2.23 36.10
N GLY B 321 -24.24 -1.02 36.39
CA GLY B 321 -22.84 -0.71 36.24
C GLY B 321 -22.41 -0.36 34.84
N ILE B 322 -23.29 -0.45 33.86
CA ILE B 322 -22.97 -0.07 32.48
C ILE B 322 -23.78 1.18 32.13
N GLU B 323 -23.08 2.24 31.76
CA GLU B 323 -23.71 3.41 31.18
C GLU B 323 -23.43 3.42 29.68
N VAL B 324 -24.45 3.77 28.90
CA VAL B 324 -24.41 3.59 27.46
C VAL B 324 -24.98 4.84 26.80
N ILE B 325 -24.31 5.33 25.78
CA ILE B 325 -24.80 6.40 24.92
C ILE B 325 -25.11 5.79 23.56
N PRO B 326 -26.32 5.94 23.04
CA PRO B 326 -26.68 5.31 21.77
C PRO B 326 -25.92 5.93 20.61
N ALA B 327 -25.74 5.15 19.55
CA ALA B 327 -24.96 5.53 18.39
C ALA B 327 -25.86 6.15 17.32
N ASP B 328 -25.25 7.04 16.53
CA ASP B 328 -25.93 7.60 15.36
C ASP B 328 -25.75 6.73 14.11
N GLY B 329 -24.80 5.80 14.14
CA GLY B 329 -24.49 4.96 12.99
C GLY B 329 -23.27 4.10 13.25
N THR B 330 -22.53 3.81 12.18
CA THR B 330 -21.50 2.78 12.15
C THR B 330 -22.08 1.45 12.62
N PHE B 331 -21.23 0.46 12.88
CA PHE B 331 -21.69 -0.75 13.54
C PHE B 331 -21.03 -0.95 14.90
N TYR B 332 -20.65 0.15 15.57
CA TYR B 332 -20.09 0.14 16.91
C TYR B 332 -21.01 0.84 17.90
N ILE B 333 -20.83 0.45 19.17
CA ILE B 333 -21.36 1.16 20.32
C ILE B 333 -20.27 1.12 21.40
N PHE B 334 -20.21 2.16 22.22
CA PHE B 334 -19.00 2.43 23.01
C PHE B 334 -19.37 2.79 24.44
N PRO B 335 -19.85 1.81 25.20
CA PRO B 335 -20.37 2.09 26.54
C PRO B 335 -19.29 2.01 27.60
N SER B 336 -19.53 2.68 28.72
CA SER B 336 -18.55 2.72 29.80
C SER B 336 -18.83 1.61 30.81
N VAL B 337 -17.80 0.85 31.13
CA VAL B 337 -17.88 -0.17 32.16
C VAL B 337 -17.20 0.28 33.45
N GLN B 338 -16.84 1.57 33.55
CA GLN B 338 -15.98 2.02 34.63
C GLN B 338 -16.51 1.64 36.01
N ALA B 339 -17.82 1.72 36.20
CA ALA B 339 -18.40 1.30 37.48
C ALA B 339 -18.01 -0.13 37.83
N ILE B 340 -17.78 -0.99 36.84
CA ILE B 340 -17.44 -2.37 37.15
C ILE B 340 -15.97 -2.51 37.51
N ILE B 341 -15.10 -1.74 36.85
CA ILE B 341 -13.66 -1.83 37.10
C ILE B 341 -13.36 -1.45 38.55
N GLU B 342 -13.94 -0.36 39.03
CA GLU B 342 -13.82 0.01 40.43
C GLU B 342 -14.34 -1.12 41.32
N LYS B 343 -15.60 -1.51 41.12
CA LYS B 343 -16.24 -2.50 41.98
C LYS B 343 -15.38 -3.75 42.12
N ARG B 344 -15.04 -4.40 41.01
CA ARG B 344 -14.27 -5.63 41.07
C ARG B 344 -12.77 -5.39 41.18
N GLY B 345 -12.33 -4.15 41.30
CA GLY B 345 -10.93 -3.84 41.55
C GLY B 345 -9.99 -4.21 40.41
N TYR B 346 -10.43 -4.03 39.17
CA TYR B 346 -9.59 -4.31 38.01
C TYR B 346 -8.62 -3.17 37.77
N ALA B 347 -7.47 -3.49 37.16
CA ALA B 347 -6.51 -2.45 36.81
C ALA B 347 -7.12 -1.41 35.87
N ASN B 348 -7.89 -1.87 34.88
CA ASN B 348 -8.37 -1.03 33.81
C ASN B 348 -9.24 -1.83 32.85
N ASP B 349 -9.53 -1.25 31.70
CA ASP B 349 -10.35 -1.95 30.71
C ASP B 349 -9.63 -3.11 30.08
N ILE B 350 -8.30 -3.14 30.18
CA ILE B 350 -7.52 -4.25 29.63
C ILE B 350 -7.69 -5.50 30.48
N GLU B 351 -7.54 -5.35 31.80
CA GLU B 351 -7.80 -6.49 32.67
C GLU B 351 -9.27 -6.87 32.61
N PHE B 352 -10.17 -5.89 32.48
CA PHE B 352 -11.58 -6.18 32.25
C PHE B 352 -11.78 -7.00 30.97
N SER B 353 -10.97 -6.75 29.95
CA SER B 353 -11.19 -7.40 28.66
C SER B 353 -10.60 -8.80 28.62
N GLU B 354 -9.47 -9.00 29.29
CA GLU B 354 -8.91 -10.35 29.37
C GLU B 354 -9.76 -11.23 30.27
N LYS B 355 -10.33 -10.66 31.33
CA LYS B 355 -11.15 -11.46 32.24
C LYS B 355 -12.48 -11.82 31.60
N LEU B 356 -13.05 -10.90 30.81
CA LEU B 356 -14.30 -11.23 30.12
C LEU B 356 -14.08 -12.33 29.10
N LEU B 357 -12.95 -12.28 28.39
CA LEU B 357 -12.65 -13.28 27.38
C LEU B 357 -12.28 -14.62 28.01
N ASN B 358 -11.61 -14.58 29.16
CA ASN B 358 -11.28 -15.81 29.86
C ASN B 358 -12.55 -16.45 30.41
N GLU B 359 -13.40 -15.67 31.05
CA GLU B 359 -14.53 -16.22 31.78
C GLU B 359 -15.64 -16.71 30.84
N VAL B 360 -16.18 -15.83 29.98
CA VAL B 360 -17.32 -16.24 29.16
C VAL B 360 -17.04 -16.19 27.65
N GLY B 361 -15.80 -15.96 27.26
CA GLY B 361 -15.47 -16.00 25.85
C GLY B 361 -16.19 -14.98 24.99
N VAL B 362 -16.22 -13.73 25.42
CA VAL B 362 -16.62 -12.61 24.56
C VAL B 362 -15.36 -11.83 24.21
N ALA B 363 -15.08 -11.67 22.93
CA ALA B 363 -13.96 -10.85 22.49
C ALA B 363 -14.48 -9.44 22.16
N LEU B 364 -13.91 -8.43 22.81
CA LEU B 364 -14.16 -7.04 22.43
C LEU B 364 -12.90 -6.23 22.70
N VAL B 365 -12.91 -4.97 22.29
CA VAL B 365 -11.73 -4.12 22.33
C VAL B 365 -11.84 -3.17 23.51
N PRO B 366 -10.84 -3.10 24.39
CA PRO B 366 -10.90 -2.15 25.50
C PRO B 366 -10.84 -0.71 25.00
N GLY B 367 -11.58 0.15 25.69
CA GLY B 367 -11.66 1.55 25.27
C GLY B 367 -10.33 2.26 25.30
N SER B 368 -9.40 1.79 26.15
CA SER B 368 -8.10 2.47 26.23
C SER B 368 -7.40 2.52 24.86
N ALA B 369 -7.67 1.55 23.98
CA ALA B 369 -6.95 1.46 22.71
C ALA B 369 -7.30 2.61 21.79
N PHE B 370 -8.50 3.16 21.93
CA PHE B 370 -8.92 4.37 21.25
C PHE B 370 -8.72 5.60 22.13
N GLY B 371 -8.08 5.45 23.28
CA GLY B 371 -7.75 6.60 24.10
C GLY B 371 -8.81 7.03 25.10
N THR B 372 -9.74 6.15 25.48
CA THR B 372 -10.80 6.47 26.43
C THR B 372 -10.83 5.33 27.45
N GLU B 373 -10.06 5.50 28.53
CA GLU B 373 -9.97 4.53 29.60
C GLU B 373 -11.34 4.20 30.15
N GLY B 374 -11.63 2.91 30.28
CA GLY B 374 -12.82 2.50 30.98
C GLY B 374 -14.03 2.24 30.11
N CYS B 375 -13.89 2.37 28.80
CA CYS B 375 -14.95 1.94 27.90
C CYS B 375 -14.55 0.65 27.22
N ILE B 376 -15.48 0.10 26.45
CA ILE B 376 -15.22 -1.02 25.55
C ILE B 376 -15.92 -0.71 24.25
N ARG B 377 -15.39 -1.23 23.15
CA ARG B 377 -16.06 -1.11 21.87
C ARG B 377 -16.77 -2.42 21.59
N ILE B 378 -18.09 -2.36 21.45
CA ILE B 378 -18.87 -3.49 20.98
C ILE B 378 -19.19 -3.24 19.52
N SER B 379 -19.06 -4.27 18.71
CA SER B 379 -19.42 -4.19 17.30
C SER B 379 -20.57 -5.17 17.09
N PHE B 380 -21.68 -4.66 16.55
CA PHE B 380 -22.87 -5.44 16.21
C PHE B 380 -22.97 -5.73 14.72
N ALA B 381 -21.85 -5.94 14.06
CA ALA B 381 -21.82 -6.49 12.72
C ALA B 381 -21.79 -8.02 12.75
N THR B 382 -22.63 -8.63 13.57
CA THR B 382 -22.85 -10.08 13.53
C THR B 382 -24.35 -10.34 13.58
N GLY B 383 -24.69 -11.62 13.49
CA GLY B 383 -26.06 -12.06 13.46
C GLY B 383 -26.85 -11.56 14.65
N ILE B 384 -28.12 -11.25 14.40
CA ILE B 384 -29.01 -10.81 15.46
C ILE B 384 -29.20 -11.91 16.50
N ASP B 385 -29.01 -13.18 16.10
CA ASP B 385 -29.06 -14.29 17.05
C ASP B 385 -27.83 -14.33 17.93
N THR B 386 -26.65 -14.30 17.31
CA THR B 386 -25.39 -14.30 18.05
C THR B 386 -25.34 -13.14 19.05
N LEU B 387 -25.98 -12.01 18.73
CA LEU B 387 -25.92 -10.86 19.62
C LEU B 387 -26.71 -11.11 20.90
N LYS B 388 -27.87 -11.78 20.77
CA LYS B 388 -28.66 -12.08 21.96
C LYS B 388 -27.87 -12.90 22.96
N ASP B 389 -27.02 -13.80 22.47
CA ASP B 389 -26.20 -14.63 23.35
C ASP B 389 -25.00 -13.88 23.90
N ALA B 390 -24.29 -13.14 23.04
CA ALA B 390 -23.19 -12.32 23.51
C ALA B 390 -23.59 -11.48 24.71
N LEU B 391 -24.79 -10.91 24.67
CA LEU B 391 -25.24 -9.99 25.70
C LEU B 391 -25.81 -10.70 26.92
N ASN B 392 -26.22 -11.96 26.79
CA ASN B 392 -26.52 -12.77 27.97
C ASN B 392 -25.25 -13.03 28.77
N ARG B 393 -24.22 -13.54 28.11
CA ARG B 393 -22.91 -13.67 28.73
C ARG B 393 -22.43 -12.37 29.38
N LEU B 394 -22.90 -11.21 28.92
CA LEU B 394 -22.35 -9.96 29.43
C LEU B 394 -22.92 -9.62 30.81
N GLN B 395 -24.22 -9.89 31.05
CA GLN B 395 -24.73 -9.79 32.41
C GLN B 395 -24.02 -10.78 33.33
N ARG B 396 -23.98 -12.06 32.95
CA ARG B 396 -23.37 -13.08 33.78
C ARG B 396 -21.95 -12.69 34.19
N PHE B 397 -21.26 -11.94 33.33
CA PHE B 397 -19.99 -11.33 33.75
C PHE B 397 -20.23 -10.20 34.74
N CYS B 398 -21.12 -9.26 34.40
CA CYS B 398 -21.23 -7.99 35.12
C CYS B 398 -22.17 -8.05 36.32
N SER B 399 -23.26 -8.82 36.22
CA SER B 399 -24.21 -8.90 37.33
C SER B 399 -23.57 -9.69 38.47
#